data_8PDA
#
_entry.id   8PDA
#
_cell.length_a   1.00
_cell.length_b   1.00
_cell.length_c   1.00
_cell.angle_alpha   90.00
_cell.angle_beta   90.00
_cell.angle_gamma   90.00
#
_symmetry.space_group_name_H-M   'P 1'
#
loop_
_entity.id
_entity.type
_entity.pdbx_description
1 polymer 'ERAD-associated E3 ubiquitin-protein ligase DOA10'
2 non-polymer 1,2-DIOLEOYL-SN-GLYCERO-3-PHOSPHOCHOLINE
3 non-polymer 1,2-DIPALMITOYL-SN-GLYCERO-3-PHOSPHATE
#
_entity_poly.entity_id   1
_entity_poly.type   'polypeptide(L)'
_entity_poly.pdbx_seq_one_letter_code
;MDVDSDVNVSRLRDELHKVANEETDTATFNDDAPSGATCRICRGEATEDNPLFHPCKCRGSIKYMHESCLLEWVASKNID
ISKPGADVKCDICHYPIQFKTIYAENMPEKIPFSLLLSKSILTFFEKARLALTIGLAAVLYIIGVPLVWNMFGKLYTMML
DGSSPYPGDFLKSLIYGYDQSATPELTTRAIFYQLLQNHSFTSLQFIMIVILHIALYFQYDMIVREDVFSKMVFHKIGPR
LSPKDLKSRLKERFPMMDDRMVEYLAREMRAHDENRQEQGHDRLNMPAAAADNNNNVINPRNDNVPPQDPNDHRNFENLR
HVDELDHDEATEEHENNDSDNSLPSGDDSSRILPGSSSDNEEDEEAEGQQQQQQPEEEADYRDHIEPNPIDMWANRRAQN
EFDDLIAAQQNAINRPNAPVFIPPPAQNRAGNVDQDEQDFGAAVGVPPAQANPDDQGQGPLVINLKLKLLNVIAYFIIAV
VFTAIYLAISYLFPTFIGFGLLKIYFGIFKVILRGLCHLYYLSGAHIAYNGLTKLVPKVDVAMSWISDHLIHDIIYLYNG
YTENTMKHSIFIRALPALTTYLTSVSIVCASSNLVSRGYGRENGMSNPTRRLIFQILFALKCTFKVFTLFFIELAGFPIL
AGVMLDFSLFCPILASNSRMLWVPSICAIWPPFSLFVYWTIGTLYMYWFAKYIGMIRKNIIRPGVLFFIRSPEDPNIKIL
HDSLIHPMSIQLSRLCLSMFIYAIFIVLGFGFHTRIFFPFMLKSNLLSVPEAYKPTSIISWKFNTILLTLYFTKRILESS
SYVKPLLERYWKTIFKLCSRKLRLSSFILGKDTPTERGHIVYRNLFYKYIAAKNAEWSNQELFTKPKTLEQAEELFGQVR
DVHAYFVPDGVLMRVPSSDIVSRNYVQTMFVPVTKDDKLLKPLDLERIKERNKRAAGEFGYLDEQNTEYDQYYIVYVPPD
FRLRYMTLLGLVWLFASILMLGVTFISQALINFVCSFGFLPVVKLLLGERNKVYVAWKELSDISYSYLNIYYVCVGSVCL
SKIAKDILHFTEGQNTLDEHAVDENEVEEVEHDIPERDINNAPVNNINNVEEGQGIFMAIFNSIFDSMLVKYNLMVFIAI
MIAVIRTMVSWVVLTDGILACYNYLTIRVFGNSSYTIGNSKWFKYDESLLFVVWIISSMVNFGTGYKSLKLFFRNRNTSK
LNFLKTMALELFKQGFLHMVIYVLPIIILSLVFLRDVSTKQIIDISHGSRSFTLSLNESFPTWTRMQDIYFGLLIALESF
TFFFQATVLFIQWFKSTVQNVKDEVYTKGRALENLPDES
;
_entity_poly.pdbx_strand_id   A
#
loop_
_chem_comp.id
_chem_comp.type
_chem_comp.name
_chem_comp.formula
PCW non-polymer 1,2-DIOLEOYL-SN-GLYCERO-3-PHOSPHOCHOLINE 'C44 H85 N O8 P 1'
PX6 non-polymer 1,2-DIPALMITOYL-SN-GLYCERO-3-PHOSPHATE 'C35 H68 O8 P -1'
#
# COMPACT_ATOMS: atom_id res chain seq x y z
N THR A 28 54.11 -32.55 14.01
CA THR A 28 54.85 -32.47 12.72
C THR A 28 53.86 -32.38 11.56
N PHE A 29 54.27 -32.81 10.37
CA PHE A 29 53.36 -32.78 9.18
C PHE A 29 53.10 -34.21 8.72
N ASN A 30 51.82 -34.56 8.51
CA ASN A 30 51.46 -35.94 8.07
C ASN A 30 52.03 -36.19 6.68
N ASP A 31 52.56 -37.39 6.43
CA ASP A 31 53.10 -37.75 5.09
C ASP A 31 51.94 -37.81 4.09
N ASP A 32 50.70 -37.71 4.58
CA ASP A 32 49.54 -37.74 3.69
C ASP A 32 49.51 -36.63 2.63
N ALA A 33 50.36 -35.60 2.72
CA ALA A 33 50.52 -34.60 1.67
C ALA A 33 51.19 -35.26 0.44
N PRO A 34 50.47 -35.53 -0.67
CA PRO A 34 51.05 -36.24 -1.80
C PRO A 34 52.17 -35.42 -2.42
N SER A 35 53.26 -36.06 -2.83
CA SER A 35 54.37 -35.40 -3.54
C SER A 35 53.84 -34.66 -4.78
N GLY A 36 53.83 -33.32 -4.73
CA GLY A 36 53.21 -32.44 -5.75
C GLY A 36 51.89 -31.77 -5.35
N ALA A 37 51.44 -31.88 -4.09
CA ALA A 37 50.32 -31.08 -3.58
C ALA A 37 50.73 -29.62 -3.32
N THR A 38 49.82 -28.69 -3.63
CA THR A 38 50.05 -27.25 -3.55
C THR A 38 48.90 -26.53 -2.86
N CYS A 39 49.20 -25.38 -2.24
CA CYS A 39 48.24 -24.52 -1.58
C CYS A 39 47.24 -23.91 -2.57
N ARG A 40 45.93 -24.03 -2.28
CA ARG A 40 44.84 -23.42 -3.06
C ARG A 40 45.05 -21.92 -3.36
N ILE A 41 45.67 -21.19 -2.42
CA ILE A 41 45.75 -19.73 -2.43
C ILE A 41 46.98 -19.24 -3.19
N CYS A 42 48.18 -19.58 -2.74
CA CYS A 42 49.44 -19.12 -3.36
C CYS A 42 50.03 -20.07 -4.41
N ARG A 43 49.52 -21.30 -4.53
CA ARG A 43 50.04 -22.40 -5.37
C ARG A 43 51.45 -22.90 -5.05
N GLY A 44 52.05 -22.46 -3.95
CA GLY A 44 53.28 -23.04 -3.42
C GLY A 44 53.07 -24.47 -2.87
N GLU A 45 54.14 -25.26 -2.86
CA GLU A 45 54.21 -26.60 -2.26
C GLU A 45 54.27 -26.51 -0.72
N ALA A 46 54.31 -27.66 -0.03
CA ALA A 46 54.64 -27.69 1.40
C ALA A 46 56.14 -27.41 1.60
N THR A 47 56.47 -26.54 2.56
CA THR A 47 57.84 -26.34 3.05
C THR A 47 57.88 -26.64 4.54
N GLU A 48 59.05 -26.96 5.09
CA GLU A 48 59.21 -27.29 6.52
C GLU A 48 58.70 -26.15 7.43
N ASP A 49 58.96 -24.88 7.04
CA ASP A 49 58.45 -23.68 7.74
C ASP A 49 56.94 -23.39 7.53
N ASN A 50 56.27 -24.05 6.59
CA ASN A 50 54.90 -23.73 6.17
C ASN A 50 54.20 -24.96 5.55
N PRO A 51 53.68 -25.89 6.38
CA PRO A 51 53.02 -27.11 5.91
C PRO A 51 51.61 -26.86 5.33
N LEU A 52 51.07 -27.86 4.64
CA LEU A 52 49.75 -27.83 4.00
C LEU A 52 48.68 -28.52 4.85
N PHE A 53 47.61 -27.80 5.18
CA PHE A 53 46.46 -28.25 5.97
C PHE A 53 45.22 -28.51 5.09
N HIS A 54 44.31 -29.39 5.54
CA HIS A 54 43.01 -29.67 4.90
C HIS A 54 41.81 -29.33 5.82
N PRO A 55 41.54 -28.04 6.09
CA PRO A 55 40.54 -27.62 7.08
C PRO A 55 39.07 -27.66 6.60
N CYS A 56 38.83 -28.26 5.43
CA CYS A 56 37.45 -28.28 4.85
C CYS A 56 37.04 -29.70 4.49
N LYS A 57 35.82 -29.87 3.97
CA LYS A 57 35.31 -31.21 3.56
C LYS A 57 35.68 -31.44 2.08
N CYS A 58 36.35 -30.46 1.47
CA CYS A 58 36.75 -30.57 0.03
C CYS A 58 37.86 -31.61 -0.11
N ARG A 59 38.07 -32.13 -1.33
CA ARG A 59 39.13 -33.14 -1.58
C ARG A 59 40.01 -32.68 -2.74
N GLY A 60 41.25 -33.19 -2.82
CA GLY A 60 42.18 -32.79 -3.89
C GLY A 60 43.04 -31.60 -3.50
N SER A 61 43.71 -30.98 -4.47
CA SER A 61 44.62 -29.83 -4.18
C SER A 61 43.83 -28.66 -3.60
N ILE A 62 42.61 -28.42 -4.11
CA ILE A 62 41.75 -27.31 -3.58
C ILE A 62 41.63 -27.47 -2.06
N LYS A 63 41.65 -28.70 -1.56
CA LYS A 63 41.49 -28.94 -0.11
C LYS A 63 42.70 -28.43 0.69
N TYR A 64 43.90 -28.40 0.09
CA TYR A 64 45.15 -28.05 0.76
C TYR A 64 45.38 -26.53 0.81
N MET A 65 45.75 -26.00 1.97
CA MET A 65 46.12 -24.59 2.17
C MET A 65 47.22 -24.45 3.21
N HIS A 66 48.15 -23.51 2.99
CA HIS A 66 49.02 -23.01 4.05
C HIS A 66 48.20 -22.27 5.11
N GLU A 67 48.57 -22.39 6.38
CA GLU A 67 47.92 -21.62 7.45
C GLU A 67 48.11 -20.11 7.25
N SER A 68 49.34 -19.67 6.96
CA SER A 68 49.69 -18.28 6.65
C SER A 68 48.78 -17.65 5.59
N CYS A 69 48.63 -18.30 4.43
CA CYS A 69 47.75 -17.83 3.36
C CYS A 69 46.27 -17.84 3.75
N LEU A 70 45.86 -18.80 4.58
CA LEU A 70 44.45 -18.87 5.03
C LEU A 70 44.16 -17.71 5.99
N LEU A 71 45.11 -17.43 6.89
CA LEU A 71 44.96 -16.29 7.83
C LEU A 71 44.90 -14.98 7.04
N GLU A 72 45.74 -14.87 6.00
CA GLU A 72 45.75 -13.66 5.13
C GLU A 72 44.40 -13.52 4.43
N TRP A 73 43.81 -14.63 3.97
CA TRP A 73 42.48 -14.59 3.31
C TRP A 73 41.42 -14.12 4.31
N VAL A 74 41.49 -14.59 5.55
CA VAL A 74 40.52 -14.18 6.60
C VAL A 74 40.71 -12.68 6.87
N ALA A 75 41.96 -12.21 6.90
CA ALA A 75 42.23 -10.80 7.12
C ALA A 75 41.74 -9.93 5.94
N SER A 76 41.90 -10.37 4.69
CA SER A 76 41.37 -9.69 3.49
C SER A 76 39.83 -9.59 3.49
N LYS A 77 39.13 -10.44 4.25
CA LYS A 77 37.68 -10.37 4.47
C LYS A 77 37.28 -9.49 5.67
N ASN A 78 38.22 -8.79 6.31
CA ASN A 78 38.04 -8.01 7.55
C ASN A 78 37.48 -8.85 8.71
N ILE A 79 37.89 -10.13 8.83
CA ILE A 79 37.48 -11.02 9.91
C ILE A 79 38.65 -11.20 10.89
N ASP A 80 38.56 -10.53 12.05
CA ASP A 80 39.54 -10.71 13.13
C ASP A 80 39.38 -12.08 13.81
N ILE A 81 40.15 -13.09 13.38
CA ILE A 81 40.17 -14.43 14.00
C ILE A 81 40.48 -14.33 15.50
N SER A 82 41.28 -13.36 15.93
CA SER A 82 41.63 -13.12 17.34
C SER A 82 40.43 -12.95 18.27
N LYS A 83 39.28 -12.47 17.76
CA LYS A 83 38.07 -12.29 18.57
C LYS A 83 37.43 -13.65 18.91
N PRO A 84 36.95 -13.87 20.14
CA PRO A 84 36.22 -15.09 20.49
C PRO A 84 34.85 -15.12 19.81
N GLY A 85 34.52 -16.21 19.11
CA GLY A 85 33.26 -16.38 18.38
C GLY A 85 33.26 -15.90 16.92
N ALA A 86 34.43 -15.83 16.27
CA ALA A 86 34.54 -15.56 14.83
C ALA A 86 34.40 -16.86 13.99
N ASP A 87 33.21 -17.08 13.41
CA ASP A 87 32.88 -18.28 12.61
C ASP A 87 33.40 -18.17 11.16
N VAL A 88 34.65 -18.57 10.90
CA VAL A 88 35.19 -18.67 9.52
C VAL A 88 34.57 -19.85 8.77
N LYS A 89 34.16 -19.65 7.52
CA LYS A 89 33.59 -20.68 6.64
C LYS A 89 34.30 -20.70 5.29
N CYS A 90 34.40 -21.89 4.70
CA CYS A 90 34.82 -22.04 3.32
C CYS A 90 33.85 -21.33 2.36
N ASP A 91 34.39 -20.54 1.44
CA ASP A 91 33.66 -19.88 0.36
C ASP A 91 33.08 -20.86 -0.67
N ILE A 92 33.73 -22.00 -0.93
CA ILE A 92 33.27 -23.02 -1.89
C ILE A 92 32.26 -23.99 -1.24
N CYS A 93 32.65 -24.69 -0.15
CA CYS A 93 31.83 -25.75 0.44
C CYS A 93 31.00 -25.33 1.66
N HIS A 94 31.10 -24.06 2.09
CA HIS A 94 30.38 -23.48 3.24
C HIS A 94 30.56 -24.19 4.60
N TYR A 95 31.48 -25.14 4.68
CA TYR A 95 31.87 -25.82 5.91
C TYR A 95 32.65 -24.85 6.84
N PRO A 96 32.38 -24.84 8.16
CA PRO A 96 33.11 -24.01 9.12
C PRO A 96 34.52 -24.55 9.37
N ILE A 97 35.51 -23.66 9.32
CA ILE A 97 36.92 -23.98 9.60
C ILE A 97 37.17 -23.92 11.11
N GLN A 98 37.97 -24.85 11.64
CA GLN A 98 38.24 -24.98 13.08
C GLN A 98 39.69 -24.56 13.40
N PHE A 99 39.88 -23.91 14.56
CA PHE A 99 41.24 -23.39 14.90
C PHE A 99 41.75 -23.95 16.24
N LYS A 100 42.81 -24.76 16.22
CA LYS A 100 43.42 -25.29 17.47
C LYS A 100 44.34 -24.23 18.09
N THR A 101 44.64 -24.34 19.39
CA THR A 101 45.49 -23.31 20.07
C THR A 101 46.60 -23.95 20.91
N ILE A 102 47.85 -23.45 20.80
CA ILE A 102 48.98 -23.93 21.65
C ILE A 102 48.92 -23.16 22.97
N TYR A 103 49.73 -23.52 23.98
CA TYR A 103 49.64 -22.86 25.31
C TYR A 103 51.02 -22.48 25.87
N ALA A 104 51.14 -21.30 26.48
CA ALA A 104 52.42 -20.90 27.13
C ALA A 104 52.62 -21.63 28.45
N GLU A 105 53.72 -21.31 29.16
CA GLU A 105 54.01 -21.94 30.48
C GLU A 105 52.91 -21.58 31.48
N ASN A 106 52.33 -20.38 31.34
CA ASN A 106 51.26 -19.90 32.27
C ASN A 106 50.14 -20.92 32.39
N MET A 107 49.50 -20.98 33.56
CA MET A 107 48.42 -21.97 33.82
C MET A 107 47.41 -21.33 34.78
N PRO A 108 46.35 -22.04 35.22
CA PRO A 108 45.35 -21.41 36.08
C PRO A 108 46.05 -20.94 37.37
N GLU A 109 47.02 -21.70 37.87
CA GLU A 109 47.80 -21.28 39.06
C GLU A 109 48.24 -19.82 38.89
N LYS A 110 48.73 -19.43 37.71
CA LYS A 110 49.10 -18.01 37.46
C LYS A 110 47.90 -17.05 37.57
N ILE A 111 46.70 -17.40 37.09
CA ILE A 111 45.61 -16.35 37.12
C ILE A 111 44.40 -16.67 38.03
N PRO A 112 44.53 -17.12 39.30
CA PRO A 112 43.35 -17.63 40.03
C PRO A 112 42.24 -16.64 40.40
N PHE A 113 42.60 -15.44 40.85
CA PHE A 113 41.56 -14.50 41.35
C PHE A 113 41.83 -13.07 40.89
N SER A 114 42.97 -12.49 41.27
CA SER A 114 43.17 -11.08 40.92
C SER A 114 43.06 -10.85 39.42
N LEU A 115 43.64 -11.73 38.62
CA LEU A 115 43.57 -11.57 37.17
C LEU A 115 42.14 -11.71 36.67
N LEU A 116 41.40 -12.69 37.18
CA LEU A 116 40.00 -12.86 36.78
C LEU A 116 39.17 -11.65 37.19
N LEU A 117 39.40 -11.13 38.40
CA LEU A 117 38.67 -9.95 38.85
C LEU A 117 38.97 -8.74 37.97
N SER A 118 40.25 -8.55 37.62
CA SER A 118 40.63 -7.44 36.75
C SER A 118 39.99 -7.57 35.37
N LYS A 119 39.99 -8.79 34.81
CA LYS A 119 39.38 -9.00 33.51
C LYS A 119 37.88 -8.73 33.56
N SER A 120 37.21 -9.20 34.60
CA SER A 120 35.78 -8.96 34.74
C SER A 120 35.48 -7.47 34.88
N ILE A 121 36.29 -6.77 35.67
CA ILE A 121 36.09 -5.32 35.83
C ILE A 121 36.29 -4.59 34.52
N LEU A 122 37.32 -4.97 33.75
CA LEU A 122 37.56 -4.33 32.47
C LEU A 122 36.41 -4.59 31.50
N THR A 123 35.93 -5.84 31.44
CA THR A 123 34.82 -6.14 30.55
C THR A 123 33.56 -5.38 30.95
N PHE A 124 33.28 -5.31 32.25
CA PHE A 124 32.10 -4.58 32.72
C PHE A 124 32.22 -3.09 32.39
N PHE A 125 33.40 -2.51 32.59
CA PHE A 125 33.58 -1.09 32.28
C PHE A 125 33.41 -0.83 30.78
N GLU A 126 33.98 -1.70 29.94
CA GLU A 126 33.83 -1.52 28.50
C GLU A 126 32.37 -1.64 28.08
N LYS A 127 31.66 -2.63 28.61
CA LYS A 127 30.26 -2.80 28.26
C LYS A 127 29.43 -1.61 28.72
N ALA A 128 29.69 -1.11 29.94
CA ALA A 128 28.95 0.04 30.44
C ALA A 128 29.22 1.28 29.60
N ARG A 129 30.48 1.50 29.21
CA ARG A 129 30.80 2.66 28.39
C ARG A 129 30.11 2.57 27.04
N LEU A 130 30.17 1.41 26.40
CA LEU A 130 29.53 1.25 25.08
C LEU A 130 28.03 1.45 25.18
N ALA A 131 27.39 0.84 26.20
CA ALA A 131 25.95 0.97 26.36
C ALA A 131 25.55 2.41 26.62
N LEU A 132 26.30 3.11 27.48
CA LEU A 132 26.01 4.51 27.74
C LEU A 132 26.14 5.34 26.47
N THR A 133 27.17 5.09 25.68
CA THR A 133 27.36 5.85 24.45
C THR A 133 26.20 5.64 23.48
N ILE A 134 25.83 4.37 23.23
CA ILE A 134 24.78 4.13 22.25
C ILE A 134 23.44 4.66 22.75
N GLY A 135 23.15 4.47 24.03
CA GLY A 135 21.90 4.99 24.57
C GLY A 135 21.83 6.50 24.51
N LEU A 136 22.91 7.18 24.89
CA LEU A 136 22.94 8.64 24.83
C LEU A 136 22.73 9.12 23.39
N ALA A 137 23.45 8.52 22.44
CA ALA A 137 23.33 8.96 21.06
C ALA A 137 21.91 8.76 20.54
N ALA A 138 21.35 7.57 20.73
CA ALA A 138 20.02 7.27 20.20
C ALA A 138 18.97 8.17 20.84
N VAL A 139 18.98 8.27 22.17
CA VAL A 139 17.97 9.08 22.85
C VAL A 139 18.09 10.54 22.44
N LEU A 140 19.32 11.08 22.47
CA LEU A 140 19.54 12.47 22.13
C LEU A 140 19.02 12.77 20.73
N TYR A 141 19.45 11.99 19.73
CA TYR A 141 18.99 12.26 18.38
C TYR A 141 17.46 12.17 18.32
N ILE A 142 16.93 10.97 18.57
CA ILE A 142 15.53 10.66 18.27
C ILE A 142 14.56 11.53 19.08
N ILE A 143 14.98 12.03 20.23
CA ILE A 143 14.10 12.86 21.06
C ILE A 143 14.35 14.35 20.82
N GLY A 144 15.60 14.80 20.95
CA GLY A 144 15.87 16.21 20.84
C GLY A 144 15.60 16.78 19.45
N VAL A 145 16.06 16.09 18.40
CA VAL A 145 16.02 16.70 17.07
C VAL A 145 14.60 17.01 16.61
N PRO A 146 13.63 16.09 16.67
CA PRO A 146 12.25 16.50 16.33
C PRO A 146 11.70 17.58 17.23
N LEU A 147 12.03 17.54 18.52
CA LEU A 147 11.51 18.53 19.45
C LEU A 147 12.09 19.92 19.17
N VAL A 148 13.38 19.99 18.83
CA VAL A 148 13.97 21.27 18.45
C VAL A 148 13.39 21.75 17.13
N TRP A 149 13.12 20.83 16.20
CA TRP A 149 12.44 21.19 14.96
C TRP A 149 11.10 21.86 15.26
N ASN A 150 10.30 21.23 16.12
CA ASN A 150 8.98 21.78 16.45
C ASN A 150 9.10 23.10 17.20
N MET A 151 10.06 23.22 18.11
CA MET A 151 10.25 24.46 18.84
C MET A 151 10.61 25.60 17.90
N PHE A 152 11.49 25.34 16.93
CA PHE A 152 11.85 26.38 15.96
C PHE A 152 10.68 26.71 15.06
N GLY A 153 9.88 25.72 14.68
CA GLY A 153 8.69 26.01 13.89
C GLY A 153 7.72 26.91 14.64
N LYS A 154 7.46 26.60 15.91
CA LYS A 154 6.57 27.41 16.72
C LYS A 154 7.12 28.83 16.89
N LEU A 155 8.43 28.95 17.14
CA LEU A 155 9.03 30.26 17.32
C LEU A 155 8.92 31.09 16.04
N TYR A 156 9.13 30.46 14.89
CA TYR A 156 9.07 31.21 13.63
C TYR A 156 7.64 31.61 13.30
N THR A 157 6.67 30.73 13.57
CA THR A 157 5.27 31.11 13.37
C THR A 157 4.89 32.27 14.28
N MET A 158 5.33 32.23 15.55
CA MET A 158 5.05 33.32 16.47
C MET A 158 5.68 34.62 16.01
N MET A 159 6.91 34.56 15.50
CA MET A 159 7.56 35.76 14.98
C MET A 159 6.82 36.31 13.78
N LEU A 160 6.32 35.42 12.92
CA LEU A 160 5.56 35.86 11.75
C LEU A 160 4.27 36.56 12.17
N ASP A 161 3.52 35.95 13.10
CA ASP A 161 2.25 36.52 13.52
C ASP A 161 2.44 37.86 14.22
N GLY A 162 3.43 37.96 15.10
CA GLY A 162 3.65 39.16 15.87
C GLY A 162 3.05 39.14 17.27
N SER A 163 2.52 38.01 17.71
CA SER A 163 1.93 37.89 19.04
C SER A 163 1.94 36.42 19.45
N SER A 164 1.61 36.18 20.71
CA SER A 164 1.67 34.83 21.25
C SER A 164 0.29 34.40 21.75
N PRO A 165 -0.04 33.12 21.64
CA PRO A 165 -1.35 32.65 22.15
C PRO A 165 -1.52 32.86 23.64
N TYR A 166 -0.44 32.75 24.41
CA TYR A 166 -0.48 32.93 25.86
C TYR A 166 0.54 33.99 26.25
N PRO A 167 0.19 35.28 26.09
CA PRO A 167 1.09 36.40 26.41
C PRO A 167 1.49 36.45 27.88
N ASP A 169 3.42 33.98 30.14
CA ASP A 169 4.26 32.81 30.34
C ASP A 169 4.77 32.26 29.00
N PHE A 170 6.08 32.42 28.78
CA PHE A 170 6.68 31.95 27.54
C PHE A 170 6.64 30.43 27.45
N LEU A 171 6.88 29.73 28.57
CA LEU A 171 7.04 28.29 28.54
C LEU A 171 5.78 27.59 28.03
N LYS A 172 4.62 28.00 28.55
CA LYS A 172 3.36 27.38 28.10
C LYS A 172 3.09 27.63 26.63
N SER A 173 3.76 28.61 26.02
CA SER A 173 3.60 28.88 24.61
C SER A 173 4.46 27.98 23.73
N LEU A 174 5.31 27.13 24.32
CA LEU A 174 6.17 26.25 23.55
C LEU A 174 5.73 24.79 23.57
N ILE A 175 4.92 24.38 24.53
CA ILE A 175 4.43 23.01 24.58
C ILE A 175 3.11 22.86 23.84
N TYR A 176 2.18 23.80 24.06
CA TYR A 176 0.90 23.80 23.37
C TYR A 176 0.95 24.64 22.11
N GLY A 177 1.47 25.86 22.21
CA GLY A 177 1.57 26.74 21.06
C GLY A 177 0.23 27.15 20.51
N TYR A 178 -0.06 26.76 19.27
CA TYR A 178 -1.31 27.08 18.60
C TYR A 178 -2.27 25.91 18.57
N ASP A 179 -2.09 24.94 19.47
CA ASP A 179 -2.96 23.76 19.50
C ASP A 179 -4.30 24.14 20.11
N GLN A 180 -5.35 24.13 19.30
CA GLN A 180 -6.69 24.44 19.76
C GLN A 180 -7.37 23.20 20.33
N SER A 181 -8.48 23.41 21.01
CA SER A 181 -9.27 22.34 21.62
C SER A 181 -8.43 21.50 22.58
N ALA A 182 -7.55 22.17 23.34
CA ALA A 182 -6.70 21.49 24.32
C ALA A 182 -6.49 22.45 25.49
N THR A 183 -7.16 22.18 26.60
CA THR A 183 -7.02 23.01 27.79
C THR A 183 -5.63 22.82 28.38
N PRO A 184 -4.88 23.89 28.64
CA PRO A 184 -3.54 23.74 29.18
C PRO A 184 -3.56 23.22 30.61
N GLU A 185 -2.47 22.55 30.98
CA GLU A 185 -2.30 22.03 32.34
C GLU A 185 -0.82 21.75 32.56
N LEU A 186 -0.30 22.19 33.69
CA LEU A 186 1.13 22.15 33.98
C LEU A 186 1.56 20.88 34.71
N THR A 187 0.63 19.94 34.94
CA THR A 187 1.00 18.69 35.59
C THR A 187 1.88 17.85 34.66
N THR A 188 2.71 17.00 35.27
CA THR A 188 3.65 16.20 34.49
C THR A 188 2.93 15.26 33.54
N ARG A 189 1.83 14.66 34.00
CA ARG A 189 1.06 13.76 33.13
C ARG A 189 0.51 14.51 31.93
N ALA A 190 0.00 15.72 32.14
CA ALA A 190 -0.57 16.51 31.05
C ALA A 190 0.49 17.10 30.14
N ILE A 191 1.76 17.01 30.50
CA ILE A 191 2.85 17.40 29.60
C ILE A 191 3.38 16.19 28.84
N PHE A 192 3.48 15.05 29.50
CA PHE A 192 3.91 13.83 28.81
C PHE A 192 2.87 13.37 27.80
N TYR A 193 1.58 13.52 28.12
CA TYR A 193 0.53 13.13 27.19
C TYR A 193 0.41 14.09 26.01
N GLN A 194 1.02 15.26 26.08
CA GLN A 194 0.99 16.23 24.99
C GLN A 194 2.26 16.22 24.15
N LEU A 195 3.41 15.96 24.76
CA LEU A 195 4.67 16.02 24.02
C LEU A 195 4.85 14.87 23.04
N LEU A 196 4.00 13.85 23.08
CA LEU A 196 4.08 12.77 22.10
C LEU A 196 3.48 13.18 20.77
N GLN A 197 2.40 13.98 20.80
CA GLN A 197 1.76 14.43 19.57
C GLN A 197 2.69 15.33 18.76
N ASN A 198 3.45 16.20 19.44
CA ASN A 198 4.40 17.05 18.75
C ASN A 198 5.48 16.21 18.06
N HIS A 199 5.99 15.19 18.75
CA HIS A 199 7.00 14.32 18.16
C HIS A 199 6.44 13.59 16.94
N SER A 200 5.21 13.08 17.03
CA SER A 200 4.61 12.40 15.89
C SER A 200 4.42 13.36 14.71
N PHE A 201 3.98 14.59 15.00
CA PHE A 201 3.79 15.60 13.96
C PHE A 201 5.10 15.87 13.23
N THR A 202 6.18 16.13 13.98
CA THR A 202 7.45 16.44 13.34
C THR A 202 8.00 15.24 12.58
N SER A 203 7.86 14.04 13.14
CA SER A 203 8.33 12.84 12.44
C SER A 203 7.61 12.67 11.11
N LEU A 204 6.28 12.83 11.10
CA LEU A 204 5.53 12.70 9.86
C LEU A 204 5.96 13.75 8.84
N GLN A 205 6.12 15.00 9.28
CA GLN A 205 6.53 16.06 8.36
C GLN A 205 7.88 15.74 7.74
N PHE A 206 8.84 15.30 8.56
CA PHE A 206 10.17 14.97 8.04
C PHE A 206 10.10 13.81 7.06
N ILE A 207 9.27 12.80 7.36
CA ILE A 207 9.17 11.64 6.47
C ILE A 207 8.64 12.07 5.11
N MET A 208 7.58 12.89 5.08
CA MET A 208 7.05 13.33 3.80
C MET A 208 8.06 14.16 3.03
N ILE A 209 8.77 15.08 3.71
CA ILE A 209 9.73 15.93 3.01
C ILE A 209 10.84 15.07 2.39
N VAL A 210 11.36 14.12 3.17
CA VAL A 210 12.45 13.27 2.67
C VAL A 210 11.98 12.44 1.48
N ILE A 211 10.78 11.86 1.57
CA ILE A 211 10.27 11.03 0.48
C ILE A 211 10.11 11.85 -0.79
N LEU A 212 9.56 13.06 -0.66
CA LEU A 212 9.37 13.91 -1.84
C LEU A 212 10.70 14.27 -2.48
N HIS A 213 11.70 14.64 -1.66
CA HIS A 213 12.99 15.00 -2.23
C HIS A 213 13.64 13.81 -2.93
N ILE A 214 13.57 12.63 -2.34
CA ILE A 214 14.17 11.44 -2.94
C ILE A 214 13.51 11.13 -4.27
N ALA A 215 12.16 11.17 -4.30
CA ALA A 215 11.45 10.88 -5.54
C ALA A 215 11.81 11.88 -6.63
N LEU A 216 11.88 13.17 -6.28
CA LEU A 216 12.22 14.18 -7.28
C LEU A 216 13.61 13.96 -7.85
N TYR A 217 14.59 13.70 -6.97
CA TYR A 217 15.95 13.50 -7.47
C TYR A 217 16.05 12.26 -8.35
N PHE A 218 15.40 11.17 -7.95
CA PHE A 218 15.44 9.95 -8.77
C PHE A 218 14.81 10.18 -10.14
N GLN A 219 13.69 10.89 -10.17
CA GLN A 219 13.05 11.19 -11.45
C GLN A 219 13.95 12.04 -12.33
N TYR A 220 14.60 13.06 -11.74
CA TYR A 220 15.49 13.91 -12.52
C TYR A 220 16.65 13.11 -13.08
N ASP A 221 17.25 12.23 -12.28
CA ASP A 221 18.36 11.42 -12.76
C ASP A 221 17.93 10.50 -13.89
N MET A 222 16.76 9.87 -13.75
CA MET A 222 16.28 8.99 -14.81
C MET A 222 16.02 9.76 -16.10
N ILE A 223 15.48 10.98 -15.99
CA ILE A 223 15.26 11.79 -17.19
C ILE A 223 16.58 12.16 -17.85
N VAL A 224 17.57 12.58 -17.06
CA VAL A 224 18.85 13.01 -17.65
C VAL A 224 19.57 11.84 -18.30
N ARG A 225 19.46 10.64 -17.71
CA ARG A 225 20.19 9.50 -18.24
C ARG A 225 19.70 9.03 -19.60
N GLU A 226 18.51 9.46 -20.03
CA GLU A 226 17.94 8.98 -21.28
C GLU A 226 18.78 9.43 -22.47
N ASP A 227 18.62 8.71 -23.58
CA ASP A 227 19.38 8.97 -24.80
C ASP A 227 18.69 9.93 -25.75
N VAL A 228 17.47 10.37 -25.44
CA VAL A 228 16.74 11.30 -26.29
C VAL A 228 16.85 12.73 -25.78
N PHE A 229 17.20 12.94 -24.51
CA PHE A 229 17.35 14.27 -23.97
C PHE A 229 18.46 15.04 -24.67
N SER A 230 19.56 14.35 -25.00
CA SER A 230 20.65 15.01 -25.72
C SER A 230 20.19 15.49 -27.09
N LYS A 231 19.43 14.67 -27.80
CA LYS A 231 18.90 15.09 -29.10
C LYS A 231 17.95 16.28 -28.94
N MET A 232 17.12 16.26 -27.89
CA MET A 232 16.18 17.35 -27.67
C MET A 232 16.91 18.66 -27.41
N VAL A 233 17.93 18.62 -26.54
CA VAL A 233 18.65 19.87 -26.26
C VAL A 233 19.47 20.31 -27.47
N PHE A 234 19.97 19.38 -28.27
CA PHE A 234 20.64 19.77 -29.51
C PHE A 234 19.68 20.46 -30.45
N HIS A 235 18.46 19.96 -30.56
CA HIS A 235 17.46 20.62 -31.39
C HIS A 235 17.13 22.01 -30.85
N LYS A 236 16.99 22.14 -29.54
CA LYS A 236 16.60 23.42 -28.95
C LYS A 236 17.71 24.46 -29.10
N ILE A 237 18.96 24.07 -28.89
CA ILE A 237 20.06 25.03 -28.89
C ILE A 237 20.76 25.05 -30.24
N GLY A 238 21.24 23.88 -30.68
CA GLY A 238 21.99 23.79 -31.91
C GLY A 238 23.45 23.49 -31.68
N PRO A 239 24.19 23.24 -32.75
CA PRO A 239 25.63 22.96 -32.61
C PRO A 239 26.39 24.19 -32.14
N ARG A 240 27.51 23.93 -31.47
CA ARG A 240 28.35 25.00 -30.95
C ARG A 240 28.92 25.86 -32.08
N LYS A 468 32.77 8.07 19.95
CA LYS A 468 33.19 8.78 21.15
C LYS A 468 32.09 9.70 21.66
N LEU A 469 32.13 10.01 22.96
CA LEU A 469 31.13 10.91 23.54
C LEU A 469 31.25 12.31 22.96
N LEU A 470 32.49 12.79 22.78
CA LEU A 470 32.69 14.12 22.21
C LEU A 470 32.15 14.21 20.78
N ASN A 471 32.38 13.16 19.98
CA ASN A 471 31.86 13.15 18.61
C ASN A 471 30.35 13.17 18.61
N VAL A 472 29.71 12.41 19.50
CA VAL A 472 28.25 12.40 19.57
C VAL A 472 27.73 13.77 19.99
N ILE A 473 28.40 14.40 20.96
CA ILE A 473 27.97 15.73 21.40
C ILE A 473 28.11 16.75 20.29
N ALA A 474 29.20 16.66 19.52
CA ALA A 474 29.43 17.61 18.43
C ALA A 474 28.57 17.34 17.21
N TYR A 475 28.04 16.12 17.08
CA TYR A 475 27.17 15.80 15.94
C TYR A 475 25.72 16.20 16.18
N PHE A 476 25.41 16.81 17.32
CA PHE A 476 24.07 17.31 17.62
C PHE A 476 23.95 18.81 17.41
N ILE A 477 24.98 19.57 17.76
CA ILE A 477 24.95 21.02 17.56
C ILE A 477 24.90 21.34 16.07
N ILE A 478 25.64 20.59 15.26
CA ILE A 478 25.61 20.81 13.81
C ILE A 478 24.21 20.54 13.27
N ALA A 479 23.58 19.46 13.72
CA ALA A 479 22.22 19.16 13.28
C ALA A 479 21.25 20.25 13.71
N VAL A 480 21.41 20.77 14.93
CA VAL A 480 20.55 21.85 15.40
C VAL A 480 20.72 23.09 14.52
N VAL A 481 21.96 23.45 14.20
CA VAL A 481 22.20 24.63 13.38
C VAL A 481 21.63 24.44 11.98
N PHE A 482 21.80 23.24 11.40
CA PHE A 482 21.25 22.97 10.08
C PHE A 482 19.72 23.04 10.10
N THR A 483 19.09 22.49 11.13
CA THR A 483 17.64 22.58 11.26
C THR A 483 17.20 24.03 11.35
N ALA A 484 17.88 24.83 12.16
CA ALA A 484 17.52 26.23 12.31
C ALA A 484 17.63 26.97 10.98
N ILE A 485 18.71 26.75 10.25
CA ILE A 485 18.94 27.48 9.00
C ILE A 485 17.91 27.06 7.94
N TYR A 486 17.71 25.74 7.78
CA TYR A 486 16.76 25.25 6.78
C TYR A 486 15.35 25.72 7.10
N LEU A 487 14.95 25.64 8.36
CA LEU A 487 13.63 26.10 8.76
C LEU A 487 13.48 27.59 8.49
N ALA A 488 14.49 28.39 8.89
CA ALA A 488 14.42 29.83 8.66
C ALA A 488 14.19 30.13 7.19
N ILE A 489 15.03 29.57 6.32
CA ILE A 489 14.90 29.86 4.88
C ILE A 489 13.54 29.42 4.38
N SER A 490 13.26 28.11 4.47
CA SER A 490 12.12 27.51 3.80
C SER A 490 10.78 27.81 4.47
N TYR A 491 10.77 28.48 5.62
CA TYR A 491 9.51 28.83 6.26
C TYR A 491 9.39 30.32 6.57
N LEU A 492 10.40 31.13 6.21
CA LEU A 492 10.25 32.57 6.34
C LEU A 492 10.33 33.30 5.00
N PHE A 493 11.20 32.86 4.08
CA PHE A 493 11.20 33.51 2.76
C PHE A 493 9.90 33.21 2.00
N PRO A 494 9.48 31.95 1.82
CA PRO A 494 8.26 31.71 1.04
C PRO A 494 7.02 32.39 1.61
N THR A 495 6.86 32.42 2.92
CA THR A 495 5.67 33.05 3.49
C THR A 495 5.70 34.56 3.33
N PHE A 496 6.87 35.17 3.52
CA PHE A 496 6.97 36.61 3.36
C PHE A 496 6.68 37.03 1.92
N ILE A 497 7.19 36.28 0.95
CA ILE A 497 6.85 36.60 -0.44
C ILE A 497 5.38 36.27 -0.73
N GLY A 498 4.86 35.19 -0.14
CA GLY A 498 3.51 34.77 -0.43
C GLY A 498 2.45 35.71 0.10
N PHE A 499 2.75 36.45 1.17
CA PHE A 499 1.82 37.46 1.64
C PHE A 499 1.55 38.50 0.54
N GLY A 500 2.61 39.05 -0.04
CA GLY A 500 2.44 40.00 -1.13
C GLY A 500 1.85 39.35 -2.38
N LEU A 501 2.24 38.10 -2.65
CA LEU A 501 1.71 37.42 -3.82
C LEU A 501 0.20 37.22 -3.70
N LEU A 502 -0.28 36.83 -2.52
CA LEU A 502 -1.72 36.72 -2.30
C LEU A 502 -2.39 38.09 -2.32
N LYS A 503 -1.72 39.14 -1.84
CA LYS A 503 -2.29 40.47 -1.95
C LYS A 503 -2.55 40.82 -3.41
N ILE A 504 -1.53 40.64 -4.26
CA ILE A 504 -1.67 40.96 -5.68
C ILE A 504 -2.73 40.09 -6.34
N TYR A 505 -2.70 38.79 -6.05
CA TYR A 505 -3.66 37.88 -6.68
C TYR A 505 -5.09 38.20 -6.27
N PHE A 506 -5.31 38.49 -4.98
CA PHE A 506 -6.64 38.84 -4.50
C PHE A 506 -7.12 40.14 -5.14
N GLY A 507 -6.24 41.14 -5.24
CA GLY A 507 -6.64 42.38 -5.88
C GLY A 507 -7.01 42.19 -7.33
N ILE A 508 -6.20 41.43 -8.07
CA ILE A 508 -6.47 41.19 -9.48
C ILE A 508 -7.78 40.43 -9.65
N PHE A 509 -7.99 39.39 -8.84
CA PHE A 509 -9.20 38.59 -8.94
C PHE A 509 -10.42 39.43 -8.62
N LYS A 510 -10.36 40.24 -7.56
CA LYS A 510 -11.50 41.07 -7.19
C LYS A 510 -11.82 42.07 -8.29
N VAL A 511 -10.80 42.73 -8.84
CA VAL A 511 -11.04 43.71 -9.89
C VAL A 511 -11.66 43.05 -11.12
N ILE A 512 -11.07 41.93 -11.56
CA ILE A 512 -11.56 41.26 -12.77
C ILE A 512 -12.99 40.77 -12.57
N LEU A 513 -13.27 40.19 -11.41
CA LEU A 513 -14.62 39.72 -11.12
C LEU A 513 -15.60 40.88 -11.13
N ARG A 514 -15.37 41.88 -10.27
CA ARG A 514 -16.31 42.99 -10.14
C ARG A 514 -16.55 43.68 -11.48
N GLY A 515 -15.54 43.77 -12.32
CA GLY A 515 -15.76 44.31 -13.65
C GLY A 515 -16.55 43.39 -14.56
N LEU A 516 -15.96 42.24 -14.91
CA LEU A 516 -16.50 41.41 -15.98
C LEU A 516 -17.83 40.79 -15.60
N CYS A 517 -17.93 40.21 -14.40
CA CYS A 517 -19.16 39.53 -14.02
C CYS A 517 -20.34 40.50 -13.97
N HIS A 518 -20.14 41.67 -13.38
CA HIS A 518 -21.22 42.64 -13.28
C HIS A 518 -21.56 43.24 -14.64
N LEU A 519 -20.56 43.43 -15.51
CA LEU A 519 -20.85 43.92 -16.84
C LEU A 519 -21.66 42.91 -17.64
N TYR A 520 -21.31 41.62 -17.54
CA TYR A 520 -22.07 40.60 -18.24
C TYR A 520 -23.48 40.45 -17.68
N TYR A 521 -23.61 40.51 -16.35
CA TYR A 521 -24.94 40.38 -15.75
C TYR A 521 -25.84 41.56 -16.12
N LEU A 522 -25.29 42.77 -16.14
CA LEU A 522 -26.11 43.94 -16.47
C LEU A 522 -26.51 43.94 -17.95
N SER A 523 -25.72 43.31 -18.82
CA SER A 523 -25.94 43.44 -20.25
C SER A 523 -27.06 42.50 -20.73
N GLY A 524 -26.88 41.19 -20.56
CA GLY A 524 -27.80 40.25 -21.16
C GLY A 524 -28.33 39.17 -20.24
N ALA A 525 -28.59 39.50 -18.98
CA ALA A 525 -29.11 38.53 -18.02
C ALA A 525 -30.54 38.86 -17.57
N HIS A 526 -31.12 39.95 -18.05
CA HIS A 526 -32.49 40.29 -17.66
C HIS A 526 -33.48 39.24 -18.17
N ILE A 527 -33.29 38.77 -19.41
CA ILE A 527 -34.18 37.75 -19.96
C ILE A 527 -34.04 36.45 -19.18
N ALA A 528 -32.80 36.07 -18.84
CA ALA A 528 -32.58 34.86 -18.06
C ALA A 528 -33.22 34.97 -16.68
N TYR A 529 -33.10 36.13 -16.04
CA TYR A 529 -33.74 36.33 -14.75
C TYR A 529 -35.25 36.24 -14.85
N ASN A 530 -35.83 36.84 -15.89
CA ASN A 530 -37.27 36.79 -16.08
C ASN A 530 -37.74 35.36 -16.31
N GLY A 531 -36.98 34.59 -17.09
CA GLY A 531 -37.33 33.20 -17.32
C GLY A 531 -37.23 32.35 -16.05
N LEU A 532 -36.15 32.55 -15.28
CA LEU A 532 -35.94 31.76 -14.07
C LEU A 532 -36.85 32.19 -12.92
N THR A 533 -37.46 33.38 -13.01
CA THR A 533 -38.38 33.80 -11.97
C THR A 533 -39.57 32.85 -11.84
N LYS A 534 -40.08 32.35 -12.97
CA LYS A 534 -41.23 31.45 -12.94
C LYS A 534 -41.05 30.23 -13.84
N LEU A 535 -39.81 29.84 -14.15
CA LEU A 535 -39.59 28.64 -14.95
C LEU A 535 -40.07 27.39 -14.21
N VAL A 536 -39.76 27.30 -12.92
CA VAL A 536 -40.17 26.15 -12.13
C VAL A 536 -40.67 26.59 -10.76
N VAL A 539 -37.13 26.75 -8.85
CA VAL A 539 -35.76 26.36 -9.22
C VAL A 539 -34.78 27.40 -8.74
N ASP A 540 -35.13 28.68 -8.91
CA ASP A 540 -34.25 29.76 -8.48
C ASP A 540 -34.05 29.73 -6.96
N VAL A 541 -35.12 29.51 -6.20
CA VAL A 541 -35.00 29.44 -4.76
C VAL A 541 -34.16 28.24 -4.34
N ALA A 542 -34.42 27.08 -4.96
CA ALA A 542 -33.67 25.88 -4.62
C ALA A 542 -32.20 26.02 -5.00
N MET A 543 -31.92 26.60 -6.16
CA MET A 543 -30.53 26.74 -6.60
C MET A 543 -29.78 27.77 -5.75
N SER A 544 -30.39 28.93 -5.51
CA SER A 544 -29.72 29.98 -4.76
C SER A 544 -29.50 29.61 -3.31
N TRP A 545 -30.43 28.84 -2.72
CA TRP A 545 -30.29 28.45 -1.32
C TRP A 545 -29.01 27.63 -1.10
N ILE A 546 -28.82 26.59 -1.91
CA ILE A 546 -27.60 25.79 -1.78
C ILE A 546 -26.39 26.54 -2.31
N SER A 547 -26.60 27.46 -3.25
CA SER A 547 -25.47 28.26 -3.78
C SER A 547 -24.93 29.19 -2.71
N ASP A 548 -25.82 29.95 -2.04
CA ASP A 548 -25.37 30.82 -0.97
C ASP A 548 -24.86 30.03 0.23
N HIS A 549 -25.41 28.83 0.45
CA HIS A 549 -24.88 27.96 1.50
C HIS A 549 -23.45 27.55 1.20
N LEU A 550 -23.16 27.21 -0.06
CA LEU A 550 -21.80 26.87 -0.43
C LEU A 550 -20.93 28.12 -0.54
N ILE A 551 -21.48 29.21 -1.08
CA ILE A 551 -20.72 30.45 -1.19
C ILE A 551 -20.39 31.03 0.17
N HIS A 552 -21.15 30.69 1.21
CA HIS A 552 -20.83 31.16 2.55
C HIS A 552 -19.52 30.57 3.03
N ASP A 553 -19.23 29.31 2.69
CA ASP A 553 -17.99 28.68 3.10
C ASP A 553 -16.78 29.39 2.51
N ILE A 554 -16.85 29.76 1.23
CA ILE A 554 -15.75 30.49 0.62
C ILE A 554 -15.56 31.85 1.28
N ILE A 555 -16.66 32.54 1.57
CA ILE A 555 -16.58 33.81 2.28
C ILE A 555 -16.05 33.59 3.69
N TYR A 556 -16.48 32.51 4.34
CA TYR A 556 -15.99 32.21 5.69
C TYR A 556 -14.50 31.95 5.70
N LEU A 557 -14.00 31.19 4.72
CA LEU A 557 -12.57 30.91 4.65
C LEU A 557 -11.77 32.17 4.34
N TYR A 558 -12.30 33.02 3.46
CA TYR A 558 -11.59 34.25 3.11
C TYR A 558 -11.45 35.17 4.32
N ASN A 559 -12.51 35.28 5.14
CA ASN A 559 -12.44 36.12 6.33
C ASN A 559 -11.42 35.57 7.32
N GLY A 560 -11.29 34.25 7.39
CA GLY A 560 -10.35 33.65 8.33
C GLY A 560 -8.90 33.98 8.03
N TYR A 561 -8.55 34.08 6.75
CA TYR A 561 -7.17 34.41 6.40
C TYR A 561 -6.87 35.88 6.64
N THR A 562 -7.79 36.78 6.25
CA THR A 562 -7.51 38.20 6.34
C THR A 562 -7.58 38.73 7.77
N GLU A 563 -8.29 38.04 8.67
CA GLU A 563 -8.36 38.39 10.07
C GLU A 563 -7.89 37.20 10.89
N ASN A 564 -6.93 37.41 11.78
CA ASN A 564 -6.23 36.30 12.44
C ASN A 564 -7.17 35.69 13.48
N THR A 565 -8.10 34.87 12.98
CA THR A 565 -9.02 34.14 13.86
C THR A 565 -9.01 32.65 13.50
N MET A 566 -8.76 32.34 12.23
CA MET A 566 -8.74 30.96 11.76
C MET A 566 -7.32 30.38 11.84
N LYS A 567 -6.75 30.46 13.04
CA LYS A 567 -5.46 29.83 13.29
C LYS A 567 -5.67 28.34 13.55
N HIS A 568 -4.61 27.66 13.98
CA HIS A 568 -4.62 26.25 14.34
C HIS A 568 -5.03 25.33 13.19
N SER A 569 -5.13 25.85 11.98
CA SER A 569 -5.50 25.07 10.81
C SER A 569 -4.28 24.93 9.90
N ILE A 570 -4.03 23.70 9.42
CA ILE A 570 -2.87 23.46 8.59
C ILE A 570 -2.96 24.23 7.27
N PHE A 571 -4.15 24.27 6.68
CA PHE A 571 -4.32 24.94 5.38
C PHE A 571 -3.96 26.42 5.47
N ILE A 572 -4.68 27.17 6.31
CA ILE A 572 -4.50 28.62 6.39
C ILE A 572 -3.05 28.99 6.64
N ARG A 573 -2.30 28.13 7.34
CA ARG A 573 -0.88 28.40 7.55
C ARG A 573 -0.03 27.96 6.35
N ALA A 574 -0.49 27.00 5.56
CA ALA A 574 0.30 26.47 4.46
C ALA A 574 0.07 27.21 3.14
N LEU A 575 -1.01 27.97 3.03
CA LEU A 575 -1.39 28.56 1.75
C LEU A 575 -0.31 29.47 1.15
N PRO A 576 0.27 30.43 1.89
CA PRO A 576 1.30 31.29 1.26
C PRO A 576 2.51 30.52 0.76
N ALA A 577 2.97 29.50 1.49
CA ALA A 577 4.09 28.70 1.00
C ALA A 577 3.71 27.97 -0.29
N LEU A 578 2.49 27.44 -0.35
CA LEU A 578 2.02 26.79 -1.55
C LEU A 578 2.03 27.74 -2.74
N THR A 579 1.50 28.96 -2.56
CA THR A 579 1.45 29.88 -3.67
C THR A 579 2.84 30.32 -4.10
N THR A 580 3.76 30.48 -3.15
CA THR A 580 5.11 30.87 -3.50
C THR A 580 5.80 29.77 -4.31
N TYR A 581 5.64 28.51 -3.88
CA TYR A 581 6.26 27.41 -4.61
C TYR A 581 5.67 27.27 -6.01
N LEU A 582 4.35 27.40 -6.14
CA LEU A 582 3.73 27.29 -7.45
C LEU A 582 4.18 28.41 -8.38
N THR A 583 4.25 29.64 -7.86
CA THR A 583 4.72 30.75 -8.68
C THR A 583 6.18 30.55 -9.08
N SER A 584 7.00 30.04 -8.18
CA SER A 584 8.40 29.77 -8.51
C SER A 584 8.51 28.73 -9.62
N VAL A 585 7.71 27.66 -9.55
CA VAL A 585 7.76 26.63 -10.59
C VAL A 585 7.33 27.20 -11.93
N SER A 586 6.23 27.97 -11.93
CA SER A 586 5.76 28.57 -13.18
C SER A 586 6.80 29.52 -13.77
N ILE A 587 7.45 30.32 -12.91
CA ILE A 587 8.47 31.24 -13.39
C ILE A 587 9.66 30.48 -13.96
N VAL A 588 10.05 29.37 -13.32
CA VAL A 588 11.17 28.58 -13.83
C VAL A 588 10.84 28.06 -15.23
N CYS A 589 9.65 27.49 -15.40
CA CYS A 589 9.29 26.94 -16.72
C CYS A 589 9.22 28.04 -17.77
N ALA A 590 8.59 29.17 -17.43
CA ALA A 590 8.48 30.27 -18.38
C ALA A 590 9.84 30.83 -18.75
N SER A 591 10.75 30.92 -17.78
CA SER A 591 12.10 31.41 -18.05
C SER A 591 12.85 30.46 -18.96
N SER A 592 12.69 29.15 -18.75
CA SER A 592 13.32 28.19 -19.65
C SER A 592 12.82 28.38 -21.07
N ASN A 593 11.50 28.50 -21.23
CA ASN A 593 10.94 28.68 -22.57
C ASN A 593 11.42 29.98 -23.21
N LEU A 594 11.47 31.06 -22.44
CA LEU A 594 11.87 32.36 -22.99
C LEU A 594 13.34 32.38 -23.38
N VAL A 595 14.21 31.80 -22.55
CA VAL A 595 15.62 31.72 -22.90
C VAL A 595 15.84 30.83 -24.11
N SER A 596 15.03 29.78 -24.25
CA SER A 596 15.16 28.90 -25.41
C SER A 596 14.94 29.65 -26.72
N ARG A 597 14.10 30.69 -26.71
CA ARG A 597 13.74 31.39 -27.93
C ARG A 597 14.93 32.18 -28.48
N GLY A 598 14.88 32.41 -29.80
CA GLY A 598 15.87 33.19 -30.50
C GLY A 598 16.86 32.37 -31.31
N TYR A 599 17.20 31.17 -30.85
CA TYR A 599 18.19 30.34 -31.50
C TYR A 599 17.58 28.99 -31.89
N GLY A 600 18.10 28.42 -32.97
CA GLY A 600 17.63 27.13 -33.44
C GLY A 600 18.75 26.23 -33.91
N ARG A 601 18.44 25.26 -34.76
CA ARG A 601 19.45 24.33 -35.25
C ARG A 601 20.41 24.96 -36.25
N GLU A 602 20.08 26.13 -36.80
CA GLU A 602 20.92 26.79 -37.78
C GLU A 602 21.83 27.86 -37.18
N ASN A 603 21.62 28.23 -35.91
CA ASN A 603 22.45 29.24 -35.25
C ASN A 603 22.56 28.85 -33.78
N GLY A 604 23.65 28.18 -33.42
CA GLY A 604 23.83 27.69 -32.08
C GLY A 604 24.23 28.77 -31.10
N MET A 605 24.38 28.36 -29.84
CA MET A 605 24.76 29.24 -28.75
C MET A 605 26.25 29.08 -28.47
N SER A 606 26.99 30.18 -28.62
CA SER A 606 28.44 30.17 -28.45
C SER A 606 28.89 30.64 -27.06
N ASN A 607 27.95 30.96 -26.17
CA ASN A 607 28.30 31.46 -24.85
C ASN A 607 28.21 30.31 -23.85
N PRO A 608 29.33 29.83 -23.30
CA PRO A 608 29.25 28.72 -22.33
C PRO A 608 28.44 29.04 -21.09
N THR A 609 28.36 30.32 -20.70
CA THR A 609 27.61 30.68 -19.50
C THR A 609 26.12 30.38 -19.65
N ARG A 610 25.55 30.68 -20.82
CA ARG A 610 24.12 30.49 -21.02
C ARG A 610 23.76 29.02 -21.20
N ARG A 611 24.70 28.21 -21.69
CA ARG A 611 24.40 26.82 -21.98
C ARG A 611 24.03 26.05 -20.71
N LEU A 612 24.81 26.25 -19.64
CA LEU A 612 24.53 25.54 -18.39
C LEU A 612 23.16 25.93 -17.83
N ILE A 613 22.85 27.23 -17.86
CA ILE A 613 21.56 27.69 -17.37
C ILE A 613 20.42 27.06 -18.17
N PHE A 614 20.56 27.03 -19.50
CA PHE A 614 19.51 26.45 -20.32
C PHE A 614 19.34 24.97 -20.03
N GLN A 615 20.45 24.23 -19.91
CA GLN A 615 20.36 22.80 -19.65
C GLN A 615 19.68 22.53 -18.31
N ILE A 616 20.05 23.28 -17.27
CA ILE A 616 19.44 23.07 -15.96
C ILE A 616 17.95 23.39 -16.00
N LEU A 617 17.58 24.50 -16.64
CA LEU A 617 16.18 24.87 -16.71
C LEU A 617 15.36 23.83 -17.48
N PHE A 618 15.89 23.34 -18.60
CA PHE A 618 15.19 22.32 -19.37
C PHE A 618 15.05 21.03 -18.59
N ALA A 619 16.10 20.62 -17.89
CA ALA A 619 16.02 19.40 -17.09
C ALA A 619 14.99 19.54 -15.99
N LEU A 620 14.93 20.69 -15.33
CA LEU A 620 13.91 20.90 -14.29
C LEU A 620 12.51 20.87 -14.88
N LYS A 621 12.31 21.51 -16.03
CA LYS A 621 11.00 21.50 -16.68
C LYS A 621 10.55 20.08 -17.00
N CYS A 622 11.44 19.29 -17.61
CA CYS A 622 11.08 17.92 -17.96
C CYS A 622 10.84 17.08 -16.72
N THR A 623 11.62 17.30 -15.66
CA THR A 623 11.43 16.56 -14.42
C THR A 623 10.05 16.84 -13.82
N PHE A 624 9.66 18.12 -13.79
CA PHE A 624 8.35 18.47 -13.23
C PHE A 624 7.23 17.87 -14.07
N LYS A 625 7.33 17.98 -15.40
CA LYS A 625 6.30 17.42 -16.26
C LYS A 625 6.14 15.93 -16.04
N VAL A 626 7.25 15.18 -16.08
CA VAL A 626 7.17 13.73 -15.95
C VAL A 626 6.70 13.34 -14.56
N PHE A 627 7.14 14.04 -13.52
CA PHE A 627 6.70 13.72 -12.18
C PHE A 627 5.20 13.92 -12.03
N THR A 628 4.66 15.01 -12.57
CA THR A 628 3.22 15.22 -12.50
C THR A 628 2.47 14.12 -13.24
N LEU A 629 2.94 13.77 -14.44
CA LEU A 629 2.26 12.77 -15.24
C LEU A 629 2.28 11.41 -14.56
N PHE A 630 3.41 11.04 -13.96
CA PHE A 630 3.51 9.74 -13.31
C PHE A 630 2.85 9.73 -11.93
N PHE A 631 2.67 10.89 -11.31
CA PHE A 631 1.96 10.94 -10.04
C PHE A 631 0.46 10.80 -10.24
N ILE A 632 -0.08 11.44 -11.29
CA ILE A 632 -1.53 11.37 -11.51
C ILE A 632 -1.96 9.91 -11.66
N GLU A 633 -1.41 9.22 -12.65
CA GLU A 633 -1.88 7.88 -12.99
C GLU A 633 -1.73 6.89 -11.85
N LEU A 634 -0.77 7.13 -10.95
CA LEU A 634 -0.46 6.15 -9.91
C LEU A 634 -1.07 6.48 -8.56
N ALA A 635 -1.41 7.74 -8.28
CA ALA A 635 -1.96 8.05 -6.96
C ALA A 635 -3.30 8.77 -7.03
N GLY A 636 -3.49 9.66 -8.01
CA GLY A 636 -4.68 10.49 -8.01
C GLY A 636 -5.90 9.80 -8.54
N PHE A 637 -5.73 8.93 -9.52
CA PHE A 637 -6.85 8.23 -10.11
C PHE A 637 -7.33 7.07 -9.23
N PRO A 638 -6.43 6.27 -8.65
CA PRO A 638 -6.92 5.24 -7.70
C PRO A 638 -7.68 5.80 -6.51
N ILE A 639 -7.26 6.94 -5.97
CA ILE A 639 -7.96 7.51 -4.81
C ILE A 639 -9.36 7.99 -5.21
N LEU A 640 -9.46 8.66 -6.35
CA LEU A 640 -10.79 9.09 -6.82
C LEU A 640 -11.68 7.90 -7.11
N ALA A 641 -11.12 6.84 -7.72
CA ALA A 641 -11.89 5.64 -7.98
C ALA A 641 -12.35 4.99 -6.69
N GLY A 642 -11.48 4.97 -5.67
CA GLY A 642 -11.89 4.43 -4.39
C GLY A 642 -13.00 5.22 -3.73
N VAL A 643 -12.92 6.55 -3.80
CA VAL A 643 -13.99 7.39 -3.25
C VAL A 643 -15.30 7.10 -3.96
N MET A 644 -15.25 7.00 -5.28
CA MET A 644 -16.43 6.75 -6.09
C MET A 644 -17.04 5.39 -5.77
N LEU A 645 -16.18 4.37 -5.68
CA LEU A 645 -16.66 3.02 -5.37
C LEU A 645 -17.25 2.97 -3.97
N ASP A 646 -16.63 3.67 -3.01
CA ASP A 646 -17.21 3.80 -1.69
C ASP A 646 -18.63 4.35 -1.78
N PHE A 647 -18.76 5.58 -2.29
CA PHE A 647 -20.05 6.26 -2.35
C PHE A 647 -21.08 5.49 -3.14
N SER A 648 -20.66 4.63 -4.08
CA SER A 648 -21.62 3.93 -4.91
C SER A 648 -22.02 2.57 -4.36
N LEU A 649 -21.12 1.84 -3.71
CA LEU A 649 -21.41 0.48 -3.29
C LEU A 649 -21.32 0.27 -1.79
N PHE A 650 -20.32 0.84 -1.11
CA PHE A 650 -20.08 0.46 0.27
C PHE A 650 -20.96 1.18 1.27
N CYS A 651 -21.46 2.35 0.92
CA CYS A 651 -22.33 3.11 1.81
C CYS A 651 -23.76 2.57 1.83
N PRO A 652 -24.38 2.26 0.67
CA PRO A 652 -25.76 1.74 0.73
C PRO A 652 -25.88 0.37 1.39
N ILE A 653 -24.81 -0.41 1.47
CA ILE A 653 -24.91 -1.76 2.01
C ILE A 653 -24.50 -1.78 3.47
N LEU A 654 -23.25 -1.39 3.76
CA LEU A 654 -22.76 -1.48 5.13
C LEU A 654 -23.33 -0.38 6.00
N ALA A 655 -23.44 0.84 5.48
CA ALA A 655 -24.00 1.96 6.20
C ALA A 655 -25.44 2.19 5.75
N SER A 656 -26.05 3.26 6.24
CA SER A 656 -27.41 3.57 5.84
C SER A 656 -27.42 4.20 4.45
N ASN A 657 -28.59 4.17 3.82
CA ASN A 657 -28.75 4.75 2.49
C ASN A 657 -28.78 6.27 2.53
N SER A 658 -29.17 6.87 3.66
CA SER A 658 -29.30 8.32 3.73
C SER A 658 -27.94 9.01 3.66
N ARG A 659 -26.88 8.38 4.17
CA ARG A 659 -25.57 8.99 4.16
C ARG A 659 -24.91 8.85 2.79
N MET A 660 -23.89 9.68 2.57
CA MET A 660 -23.17 9.68 1.30
C MET A 660 -21.93 8.79 1.35
N LEU A 661 -21.02 9.07 2.27
CA LEU A 661 -19.75 8.36 2.37
C LEU A 661 -19.66 7.62 3.69
N TRP A 662 -18.95 6.49 3.66
CA TRP A 662 -18.85 5.59 4.81
C TRP A 662 -17.45 5.51 5.41
N VAL A 663 -16.41 5.47 4.57
CA VAL A 663 -15.04 5.29 5.08
C VAL A 663 -14.65 6.38 6.08
N PRO A 664 -14.94 7.66 5.88
CA PRO A 664 -14.52 8.66 6.87
C PRO A 664 -15.08 8.45 8.26
N SER A 665 -16.13 7.63 8.40
CA SER A 665 -16.73 7.42 9.71
C SER A 665 -16.01 6.35 10.52
N ILE A 666 -15.58 5.27 9.86
CA ILE A 666 -14.98 4.16 10.60
C ILE A 666 -13.61 4.55 11.13
N CYS A 667 -12.81 5.26 10.34
CA CYS A 667 -11.46 5.64 10.75
C CYS A 667 -11.47 7.03 11.39
N ALA A 668 -12.21 7.13 12.49
CA ALA A 668 -12.26 8.37 13.27
C ALA A 668 -11.07 8.52 14.20
N ILE A 669 -10.31 7.44 14.45
CA ILE A 669 -9.12 7.54 15.28
C ILE A 669 -8.07 8.41 14.61
N TRP A 670 -7.86 8.21 13.30
CA TRP A 670 -6.88 8.98 12.55
C TRP A 670 -7.46 9.24 11.16
N PRO A 671 -8.08 10.39 10.94
CA PRO A 671 -8.77 10.67 9.67
C PRO A 671 -7.86 10.54 8.45
N PRO A 672 -6.60 10.99 8.50
CA PRO A 672 -5.75 10.85 7.31
C PRO A 672 -5.58 9.42 6.83
N PHE A 673 -5.75 8.43 7.71
CA PHE A 673 -5.64 7.03 7.29
C PHE A 673 -6.71 6.67 6.26
N SER A 674 -7.74 7.50 6.13
CA SER A 674 -8.74 7.28 5.08
C SER A 674 -8.15 7.38 3.68
N LEU A 675 -6.95 7.94 3.54
CA LEU A 675 -6.33 8.04 2.21
C LEU A 675 -5.76 6.71 1.73
N PHE A 676 -5.49 5.76 2.63
CA PHE A 676 -4.92 4.48 2.23
C PHE A 676 -6.00 3.49 1.81
N VAL A 677 -7.15 3.49 2.50
CA VAL A 677 -8.24 2.58 2.17
C VAL A 677 -8.76 2.88 0.77
N TYR A 678 -8.92 4.16 0.44
CA TYR A 678 -9.37 4.53 -0.89
C TYR A 678 -8.41 4.01 -1.96
N TRP A 679 -7.10 4.17 -1.74
CA TRP A 679 -6.12 3.68 -2.70
C TRP A 679 -6.19 2.17 -2.85
N THR A 680 -6.34 1.45 -1.74
CA THR A 680 -6.41 -0.01 -1.83
C THR A 680 -7.64 -0.45 -2.61
N ILE A 681 -8.80 0.16 -2.33
CA ILE A 681 -10.02 -0.18 -3.05
C ILE A 681 -9.86 0.11 -4.54
N GLY A 682 -9.31 1.28 -4.87
CA GLY A 682 -9.16 1.64 -6.27
C GLY A 682 -8.24 0.71 -7.01
N THR A 683 -7.09 0.38 -6.42
CA THR A 683 -6.14 -0.49 -7.11
C THR A 683 -6.67 -1.91 -7.23
N LEU A 684 -7.44 -2.39 -6.25
CA LEU A 684 -8.05 -3.70 -6.39
C LEU A 684 -9.08 -3.71 -7.52
N TYR A 685 -9.87 -2.63 -7.63
CA TYR A 685 -10.83 -2.55 -8.73
C TYR A 685 -10.14 -2.56 -10.08
N MET A 686 -9.06 -1.76 -10.21
CA MET A 686 -8.31 -1.76 -11.47
C MET A 686 -7.74 -3.14 -11.77
N TYR A 687 -7.19 -3.81 -10.77
CA TYR A 687 -6.60 -5.13 -11.00
C TYR A 687 -7.64 -6.12 -11.50
N TRP A 688 -8.81 -6.15 -10.86
CA TRP A 688 -9.81 -7.13 -11.26
C TRP A 688 -10.42 -6.79 -12.61
N PHE A 689 -10.64 -5.50 -12.89
CA PHE A 689 -11.15 -5.12 -14.21
C PHE A 689 -10.15 -5.48 -15.30
N ALA A 690 -8.85 -5.25 -15.04
CA ALA A 690 -7.83 -5.61 -16.01
C ALA A 690 -7.81 -7.12 -16.24
N LYS A 691 -7.97 -7.91 -15.18
CA LYS A 691 -8.01 -9.36 -15.35
C LYS A 691 -9.20 -9.78 -16.21
N TYR A 692 -10.37 -9.17 -15.97
CA TYR A 692 -11.56 -9.52 -16.74
C TYR A 692 -11.39 -9.15 -18.22
N ILE A 693 -10.83 -7.96 -18.48
CA ILE A 693 -10.60 -7.55 -19.87
C ILE A 693 -9.59 -8.48 -20.53
N GLY A 694 -8.54 -8.87 -19.80
CA GLY A 694 -7.58 -9.80 -20.35
C GLY A 694 -8.18 -11.16 -20.66
N MET A 695 -9.10 -11.61 -19.82
CA MET A 695 -9.82 -12.85 -20.12
C MET A 695 -10.59 -12.73 -21.41
N ILE A 696 -11.33 -11.64 -21.58
CA ILE A 696 -12.14 -11.48 -22.79
C ILE A 696 -11.27 -11.29 -24.04
N ARG A 697 -10.07 -10.71 -23.89
CA ARG A 697 -9.30 -10.29 -25.05
C ARG A 697 -8.89 -11.46 -25.93
N LYS A 698 -8.31 -12.50 -25.35
CA LYS A 698 -7.67 -13.56 -26.12
C LYS A 698 -8.53 -14.80 -26.29
N ASN A 699 -9.78 -14.78 -25.83
CA ASN A 699 -10.62 -15.98 -25.89
C ASN A 699 -11.83 -15.83 -26.80
N ILE A 700 -12.53 -14.70 -26.77
CA ILE A 700 -13.81 -14.56 -27.43
C ILE A 700 -13.75 -13.62 -28.63
N ILE A 701 -13.37 -12.36 -28.40
CA ILE A 701 -13.42 -11.36 -29.46
C ILE A 701 -12.17 -11.46 -30.32
N ARG A 702 -12.29 -11.06 -31.58
CA ARG A 702 -11.16 -11.07 -32.49
C ARG A 702 -10.12 -10.03 -32.05
N PRO A 703 -8.85 -10.23 -32.41
CA PRO A 703 -7.82 -9.27 -32.02
C PRO A 703 -7.80 -8.07 -32.95
N GLY A 704 -8.13 -6.90 -32.40
CA GLY A 704 -8.18 -5.68 -33.19
C GLY A 704 -9.33 -4.77 -32.79
N VAL A 705 -10.29 -5.31 -32.04
CA VAL A 705 -11.42 -4.50 -31.59
C VAL A 705 -11.09 -3.66 -30.35
N LEU A 706 -9.92 -3.86 -29.76
CA LEU A 706 -9.50 -3.09 -28.58
C LEU A 706 -8.04 -2.70 -28.78
N PHE A 707 -7.82 -1.52 -29.39
CA PHE A 707 -6.49 -0.97 -29.54
C PHE A 707 -6.26 0.31 -28.74
N PHE A 708 -7.33 0.99 -28.33
CA PHE A 708 -7.16 2.21 -27.54
C PHE A 708 -6.66 1.89 -26.14
N ILE A 709 -7.15 0.80 -25.54
CA ILE A 709 -6.61 0.37 -24.26
C ILE A 709 -5.18 -0.14 -24.46
N ARG A 710 -4.34 0.10 -23.46
CA ARG A 710 -2.97 -0.39 -23.53
C ARG A 710 -2.92 -1.91 -23.43
N SER A 711 -1.89 -2.50 -24.03
CA SER A 711 -1.74 -3.94 -24.07
C SER A 711 -0.58 -4.38 -23.19
N PRO A 712 -0.76 -5.43 -22.39
CA PRO A 712 0.30 -5.83 -21.46
C PRO A 712 1.58 -6.31 -22.14
N GLU A 713 1.46 -7.14 -23.19
CA GLU A 713 2.66 -7.69 -23.82
C GLU A 713 3.50 -6.59 -24.48
N ASP A 714 2.94 -5.94 -25.51
CA ASP A 714 3.47 -4.72 -26.13
C ASP A 714 4.98 -4.72 -26.24
N PRO A 715 5.58 -5.56 -27.10
CA PRO A 715 7.05 -5.64 -27.14
C PRO A 715 7.73 -4.30 -27.38
N ASN A 716 7.17 -3.46 -28.24
CA ASN A 716 7.72 -2.12 -28.50
C ASN A 716 6.93 -1.11 -27.68
N ILE A 717 7.22 -1.06 -26.38
CA ILE A 717 6.54 -0.14 -25.47
C ILE A 717 7.54 0.49 -24.52
N LYS A 718 7.90 1.75 -24.76
CA LYS A 718 8.79 2.50 -23.90
C LYS A 718 7.94 3.42 -23.04
N ILE A 719 7.84 3.11 -21.74
CA ILE A 719 6.96 3.86 -20.86
C ILE A 719 7.50 5.26 -20.58
N LEU A 720 8.82 5.42 -20.52
CA LEU A 720 9.41 6.71 -20.16
C LEU A 720 9.77 7.54 -21.38
N HIS A 721 10.43 6.92 -22.37
CA HIS A 721 10.85 7.67 -23.55
C HIS A 721 9.66 8.25 -24.30
N ASP A 722 8.49 7.61 -24.22
CA ASP A 722 7.32 8.11 -24.90
C ASP A 722 6.64 9.23 -24.11
N SER A 723 6.95 9.37 -22.83
CA SER A 723 6.34 10.40 -22.01
C SER A 723 7.01 11.76 -22.15
N LEU A 724 8.19 11.83 -22.77
CA LEU A 724 8.87 13.10 -22.98
C LEU A 724 8.50 13.75 -24.31
N ILE A 725 8.35 12.95 -25.36
CA ILE A 725 8.17 13.49 -26.70
C ILE A 725 6.83 14.22 -26.82
N HIS A 726 5.76 13.58 -26.38
CA HIS A 726 4.43 14.14 -26.59
C HIS A 726 4.17 15.30 -25.64
N PRO A 727 3.41 16.30 -26.07
CA PRO A 727 3.07 17.42 -25.19
C PRO A 727 2.21 16.96 -24.02
N MET A 728 1.98 17.91 -23.09
CA MET A 728 1.22 17.59 -21.88
C MET A 728 -0.28 17.51 -22.15
N SER A 729 -0.79 18.32 -23.09
CA SER A 729 -2.23 18.43 -23.28
C SER A 729 -2.84 17.10 -23.73
N ILE A 730 -2.18 16.41 -24.66
CA ILE A 730 -2.74 15.17 -25.19
C ILE A 730 -2.84 14.11 -24.11
N GLN A 731 -1.76 13.96 -23.32
CA GLN A 731 -1.76 12.98 -22.25
C GLN A 731 -2.78 13.32 -21.18
N LEU A 732 -2.91 14.61 -20.84
CA LEU A 732 -3.92 15.02 -19.86
C LEU A 732 -5.33 14.72 -20.37
N SER A 733 -5.58 14.96 -21.67
CA SER A 733 -6.88 14.65 -22.23
C SER A 733 -7.17 13.16 -22.19
N ARG A 734 -6.18 12.34 -22.51
CA ARG A 734 -6.36 10.89 -22.45
C ARG A 734 -6.69 10.44 -21.03
N LEU A 735 -5.96 10.96 -20.04
CA LEU A 735 -6.22 10.59 -18.65
C LEU A 735 -7.61 11.03 -18.21
N CYS A 736 -8.03 12.24 -18.60
CA CYS A 736 -9.35 12.72 -18.25
C CYS A 736 -10.45 11.86 -18.87
N LEU A 737 -10.28 11.48 -20.13
CA LEU A 737 -11.27 10.63 -20.78
C LEU A 737 -11.36 9.28 -20.11
N SER A 738 -10.21 8.68 -19.77
CA SER A 738 -10.23 7.39 -19.10
C SER A 738 -10.94 7.48 -17.75
N MET A 739 -10.65 8.54 -16.99
CA MET A 739 -11.30 8.71 -15.70
C MET A 739 -12.81 8.89 -15.85
N PHE A 740 -13.24 9.65 -16.87
CA PHE A 740 -14.66 9.84 -17.09
C PHE A 740 -15.36 8.53 -17.44
N ILE A 741 -14.73 7.71 -18.28
CA ILE A 741 -15.32 6.43 -18.65
C ILE A 741 -15.45 5.53 -17.42
N TYR A 742 -14.39 5.47 -16.61
CA TYR A 742 -14.45 4.66 -15.39
C TYR A 742 -15.52 5.19 -14.45
N ALA A 743 -15.69 6.52 -14.40
CA ALA A 743 -16.73 7.11 -13.57
C ALA A 743 -18.11 6.66 -14.02
N ILE A 744 -18.35 6.70 -15.33
CA ILE A 744 -19.64 6.25 -15.85
C ILE A 744 -19.89 4.81 -15.45
N PHE A 745 -18.90 3.94 -15.68
CA PHE A 745 -19.07 2.52 -15.36
C PHE A 745 -19.42 2.33 -13.89
N ILE A 746 -18.52 2.75 -13.00
CA ILE A 746 -18.68 2.48 -11.57
C ILE A 746 -19.99 3.10 -11.07
N VAL A 747 -20.14 4.42 -11.24
CA VAL A 747 -21.28 5.11 -10.65
C VAL A 747 -22.58 4.55 -11.20
N LEU A 748 -22.75 4.54 -12.52
CA LEU A 748 -24.02 4.09 -13.08
C LEU A 748 -24.35 2.68 -12.62
N GLY A 749 -23.44 1.73 -12.85
CA GLY A 749 -23.75 0.36 -12.48
C GLY A 749 -24.06 0.17 -11.00
N PHE A 750 -23.06 0.40 -10.15
CA PHE A 750 -23.24 0.06 -8.74
C PHE A 750 -24.31 0.94 -8.09
N GLY A 751 -24.33 2.23 -8.39
CA GLY A 751 -25.33 3.10 -7.80
C GLY A 751 -26.74 2.72 -8.21
N PHE A 752 -26.96 2.47 -9.50
CA PHE A 752 -28.31 2.08 -9.92
C PHE A 752 -28.73 0.78 -9.27
N HIS A 753 -27.80 -0.14 -9.06
CA HIS A 753 -28.22 -1.42 -8.49
C HIS A 753 -28.44 -1.36 -6.98
N THR A 754 -27.69 -0.52 -6.24
CA THR A 754 -27.80 -0.53 -4.80
C THR A 754 -28.43 0.72 -4.20
N ARG A 755 -28.95 1.64 -5.01
CA ARG A 755 -29.55 2.85 -4.47
C ARG A 755 -30.92 3.21 -5.04
N ILE A 756 -31.29 2.73 -6.23
CA ILE A 756 -32.52 3.18 -6.86
C ILE A 756 -33.41 1.99 -7.18
N PHE A 757 -32.81 0.81 -7.37
CA PHE A 757 -33.58 -0.36 -7.78
C PHE A 757 -34.22 -1.08 -6.59
N PHE A 758 -33.40 -1.54 -5.65
CA PHE A 758 -33.91 -2.32 -4.53
C PHE A 758 -34.57 -1.44 -3.47
N PRO A 759 -33.93 -0.37 -2.97
CA PRO A 759 -34.55 0.39 -1.88
C PRO A 759 -35.75 1.23 -2.29
N PHE A 760 -35.90 1.54 -3.57
CA PHE A 760 -37.00 2.40 -4.02
C PHE A 760 -37.98 1.69 -4.94
N MET A 761 -37.49 1.04 -5.99
CA MET A 761 -38.40 0.45 -6.98
C MET A 761 -38.90 -0.92 -6.56
N LEU A 762 -38.08 -1.70 -5.86
CA LEU A 762 -38.49 -3.02 -5.40
C LEU A 762 -38.91 -3.08 -3.95
N LYS A 763 -38.53 -2.08 -3.15
CA LYS A 763 -38.90 -1.99 -1.73
C LYS A 763 -38.46 -3.24 -0.97
N SER A 764 -37.14 -3.44 -0.94
CA SER A 764 -36.58 -4.59 -0.23
C SER A 764 -35.22 -4.22 0.32
N ASN A 765 -34.83 -4.91 1.40
CA ASN A 765 -33.55 -4.69 2.06
C ASN A 765 -32.53 -5.79 1.76
N LEU A 766 -32.74 -6.54 0.67
CA LEU A 766 -31.90 -7.70 0.38
C LEU A 766 -30.45 -7.33 0.11
N LEU A 767 -30.14 -6.05 -0.07
CA LEU A 767 -28.77 -5.58 -0.18
C LEU A 767 -28.43 -4.64 0.96
N SER A 768 -28.92 -4.96 2.16
CA SER A 768 -28.70 -4.15 3.35
C SER A 768 -28.29 -5.07 4.49
N VAL A 769 -27.08 -4.88 5.01
CA VAL A 769 -26.64 -5.66 6.17
C VAL A 769 -27.50 -5.29 7.36
N PRO A 770 -27.96 -6.25 8.17
CA PRO A 770 -28.82 -5.92 9.31
C PRO A 770 -28.12 -4.99 10.30
N GLU A 771 -28.93 -4.43 11.19
CA GLU A 771 -28.43 -3.42 12.13
C GLU A 771 -27.38 -4.02 13.06
N ALA A 772 -27.63 -5.22 13.58
CA ALA A 772 -26.77 -5.81 14.59
C ALA A 772 -25.36 -6.12 14.09
N TYR A 773 -25.18 -6.24 12.77
CA TYR A 773 -23.89 -6.61 12.21
C TYR A 773 -23.35 -5.56 11.24
N LYS A 774 -23.68 -4.30 11.48
CA LYS A 774 -23.17 -3.21 10.65
C LYS A 774 -21.83 -2.75 11.20
N PRO A 775 -20.76 -2.83 10.42
CA PRO A 775 -19.45 -2.37 10.91
C PRO A 775 -19.48 -0.88 11.25
N THR A 776 -18.76 -0.51 12.31
CA THR A 776 -18.73 0.87 12.77
C THR A 776 -17.32 1.35 13.05
N SER A 777 -16.32 0.47 13.09
CA SER A 777 -14.96 0.87 13.40
C SER A 777 -14.00 -0.13 12.77
N ILE A 778 -12.75 0.31 12.63
CA ILE A 778 -11.73 -0.49 11.93
C ILE A 778 -10.96 -1.41 12.87
N ILE A 779 -11.18 -1.32 14.19
CA ILE A 779 -10.47 -2.15 15.14
C ILE A 779 -11.46 -2.97 15.93
N SER A 780 -12.60 -3.30 15.32
CA SER A 780 -13.63 -4.10 15.95
C SER A 780 -13.58 -5.52 15.41
N TRP A 781 -14.52 -6.35 15.86
CA TRP A 781 -14.61 -7.73 15.40
C TRP A 781 -15.55 -7.91 14.22
N LYS A 782 -16.62 -7.12 14.16
CA LYS A 782 -17.57 -7.24 13.06
C LYS A 782 -16.95 -6.88 11.72
N PHE A 783 -15.91 -6.04 11.72
CA PHE A 783 -15.21 -5.68 10.50
C PHE A 783 -14.09 -6.67 10.16
N ASN A 784 -13.30 -7.06 11.16
CA ASN A 784 -12.20 -7.99 10.92
C ASN A 784 -12.72 -9.35 10.49
N THR A 785 -13.82 -9.81 11.09
CA THR A 785 -14.37 -11.10 10.69
C THR A 785 -14.83 -11.08 9.24
N ILE A 786 -15.51 -10.02 8.83
CA ILE A 786 -15.96 -9.90 7.44
C ILE A 786 -14.76 -9.85 6.50
N LEU A 787 -13.74 -9.06 6.84
CA LEU A 787 -12.57 -8.95 5.99
C LEU A 787 -11.87 -10.29 5.83
N LEU A 788 -11.66 -11.01 6.93
CA LEU A 788 -10.98 -12.30 6.87
C LEU A 788 -11.81 -13.33 6.11
N THR A 789 -13.13 -13.35 6.33
CA THR A 789 -13.98 -14.29 5.60
C THR A 789 -13.92 -14.02 4.10
N LEU A 790 -13.99 -12.76 3.69
CA LEU A 790 -13.93 -12.44 2.27
C LEU A 790 -12.58 -12.82 1.68
N TYR A 791 -11.49 -12.51 2.40
CA TYR A 791 -10.17 -12.84 1.87
C TYR A 791 -9.97 -14.34 1.72
N PHE A 792 -10.39 -15.12 2.72
CA PHE A 792 -10.20 -16.56 2.65
C PHE A 792 -11.13 -17.20 1.63
N THR A 793 -12.33 -16.65 1.44
CA THR A 793 -13.19 -17.15 0.38
C THR A 793 -12.60 -16.85 -1.00
N LYS A 794 -11.99 -15.68 -1.16
CA LYS A 794 -11.29 -15.38 -2.40
C LYS A 794 -10.14 -16.37 -2.62
N ARG A 795 -9.40 -16.69 -1.56
CA ARG A 795 -8.30 -17.64 -1.69
C ARG A 795 -8.80 -19.02 -2.09
N ILE A 796 -9.90 -19.47 -1.48
CA ILE A 796 -10.43 -20.80 -1.80
C ILE A 796 -10.99 -20.83 -3.22
N LEU A 797 -11.62 -19.73 -3.63
CA LEU A 797 -12.26 -19.68 -4.99
C LEU A 797 -11.18 -19.58 -6.07
N GLU A 798 -10.06 -18.90 -5.78
CA GLU A 798 -8.94 -18.86 -6.77
C GLU A 798 -8.41 -20.28 -6.97
N SER A 799 -8.24 -21.14 -5.99
CA SER A 799 -7.60 -22.42 -6.33
C SER A 799 -8.63 -23.51 -6.51
N SER A 800 -9.42 -23.43 -7.59
CA SER A 800 -10.47 -24.45 -7.85
C SER A 800 -10.29 -25.09 -9.21
N SER A 801 -10.11 -24.30 -10.25
CA SER A 801 -9.76 -24.85 -11.58
C SER A 801 -10.95 -25.45 -12.32
N TYR A 802 -12.13 -25.41 -11.75
CA TYR A 802 -13.33 -25.84 -12.49
C TYR A 802 -14.34 -24.71 -12.35
N VAL A 803 -13.85 -23.49 -12.20
CA VAL A 803 -14.75 -22.29 -12.12
C VAL A 803 -14.44 -21.37 -13.30
N LYS A 804 -13.16 -21.23 -13.66
CA LYS A 804 -12.77 -20.37 -14.77
C LYS A 804 -13.26 -20.88 -16.12
N PRO A 805 -13.15 -22.17 -16.46
CA PRO A 805 -13.76 -22.62 -17.73
C PRO A 805 -15.26 -22.40 -17.78
N LEU A 806 -15.96 -22.55 -16.66
CA LEU A 806 -17.39 -22.28 -16.64
C LEU A 806 -17.68 -20.80 -16.90
N LEU A 807 -16.90 -19.91 -16.28
CA LEU A 807 -17.04 -18.48 -16.55
C LEU A 807 -16.80 -18.17 -18.01
N GLU A 808 -15.75 -18.76 -18.59
CA GLU A 808 -15.43 -18.53 -19.99
C GLU A 808 -16.56 -19.02 -20.90
N ARG A 809 -17.12 -20.20 -20.59
CA ARG A 809 -18.22 -20.72 -21.38
C ARG A 809 -19.44 -19.80 -21.31
N TYR A 810 -19.77 -19.33 -20.10
CA TYR A 810 -20.90 -18.43 -19.94
C TYR A 810 -20.70 -17.14 -20.74
N TRP A 811 -19.50 -16.55 -20.62
CA TRP A 811 -19.22 -15.31 -21.34
C TRP A 811 -19.29 -15.51 -22.84
N LYS A 812 -18.72 -16.61 -23.34
CA LYS A 812 -18.76 -16.88 -24.78
C LYS A 812 -20.19 -17.07 -25.26
N THR A 813 -21.01 -17.81 -24.51
CA THR A 813 -22.39 -18.04 -24.92
C THR A 813 -23.17 -16.74 -24.99
N ILE A 814 -23.07 -15.91 -23.95
CA ILE A 814 -23.85 -14.67 -23.99
C ILE A 814 -23.30 -13.69 -25.02
N PHE A 815 -21.98 -13.70 -25.28
CA PHE A 815 -21.44 -12.84 -26.32
C PHE A 815 -21.93 -13.25 -27.68
N LYS A 816 -21.96 -14.56 -27.95
CA LYS A 816 -22.51 -15.05 -29.20
C LYS A 816 -23.98 -14.63 -29.34
N LEU A 817 -24.75 -14.80 -28.25
CA LEU A 817 -26.18 -14.46 -28.30
C LEU A 817 -26.40 -12.99 -28.58
N CYS A 818 -25.62 -12.12 -27.92
CA CYS A 818 -25.80 -10.68 -28.11
C CYS A 818 -25.34 -10.24 -29.49
N SER A 819 -24.19 -10.73 -29.96
CA SER A 819 -23.64 -10.28 -31.22
C SER A 819 -24.32 -10.91 -32.43
N ARG A 820 -25.07 -11.99 -32.26
CA ARG A 820 -25.86 -12.51 -33.36
C ARG A 820 -27.13 -11.68 -33.60
N LYS A 821 -27.60 -10.97 -32.58
CA LYS A 821 -28.82 -10.19 -32.69
C LYS A 821 -28.58 -8.70 -32.90
N LEU A 822 -27.51 -8.15 -32.33
CA LEU A 822 -27.21 -6.74 -32.49
C LEU A 822 -26.56 -6.40 -33.82
N ARG A 823 -26.53 -7.34 -34.77
CA ARG A 823 -25.99 -7.21 -36.11
C ARG A 823 -24.47 -7.08 -36.13
N LEU A 824 -23.81 -7.09 -34.98
CA LEU A 824 -22.36 -7.04 -34.91
C LEU A 824 -21.75 -8.45 -34.89
N SER A 825 -22.13 -9.27 -35.86
CA SER A 825 -21.64 -10.65 -35.88
C SER A 825 -20.18 -10.72 -36.31
N SER A 826 -19.80 -9.94 -37.32
CA SER A 826 -18.47 -10.06 -37.91
C SER A 826 -17.47 -9.08 -37.33
N PHE A 827 -17.92 -7.88 -36.95
CA PHE A 827 -16.98 -6.86 -36.49
C PHE A 827 -16.33 -7.23 -35.16
N ILE A 828 -17.06 -7.90 -34.28
CA ILE A 828 -16.57 -8.17 -32.94
C ILE A 828 -16.09 -9.61 -32.74
N LEU A 829 -16.58 -10.56 -33.55
CA LEU A 829 -16.26 -11.96 -33.37
C LEU A 829 -15.36 -12.52 -34.46
N GLY A 830 -15.68 -12.25 -35.73
CA GLY A 830 -14.91 -12.79 -36.83
C GLY A 830 -15.71 -13.70 -37.72
N LYS A 831 -16.57 -14.53 -37.12
CA LYS A 831 -17.49 -15.36 -37.89
C LYS A 831 -18.72 -14.55 -38.26
N ASP A 832 -19.34 -14.93 -39.38
CA ASP A 832 -20.47 -14.16 -39.89
C ASP A 832 -21.31 -15.03 -40.81
N THR A 833 -22.56 -14.62 -40.97
CA THR A 833 -23.50 -15.18 -41.94
C THR A 833 -24.09 -14.05 -42.76
N PRO A 834 -24.34 -14.27 -44.06
CA PRO A 834 -24.89 -13.18 -44.88
C PRO A 834 -26.24 -12.68 -44.41
N THR A 835 -27.04 -13.54 -43.76
CA THR A 835 -28.37 -13.13 -43.32
C THR A 835 -28.34 -11.99 -42.32
N GLU A 836 -27.21 -11.77 -41.66
CA GLU A 836 -27.10 -10.62 -40.74
C GLU A 836 -27.14 -9.31 -41.49
N ARG A 837 -26.68 -9.29 -42.75
CA ARG A 837 -26.67 -8.08 -43.55
C ARG A 837 -28.01 -7.93 -44.26
N GLY A 838 -28.80 -6.95 -43.83
CA GLY A 838 -30.06 -6.66 -44.51
C GLY A 838 -31.30 -6.86 -43.67
N HIS A 839 -32.04 -5.78 -43.44
CA HIS A 839 -33.32 -5.81 -42.75
C HIS A 839 -34.44 -5.59 -43.75
N ILE A 840 -35.49 -6.40 -43.66
CA ILE A 840 -36.58 -6.37 -44.61
C ILE A 840 -37.77 -5.66 -43.99
N VAL A 841 -38.72 -5.28 -44.84
CA VAL A 841 -39.95 -4.62 -44.43
C VAL A 841 -41.13 -5.48 -44.86
N TYR A 842 -42.12 -5.60 -43.98
CA TYR A 842 -43.28 -6.43 -44.25
C TYR A 842 -44.31 -5.65 -45.06
N ARG A 843 -45.50 -6.21 -45.23
CA ARG A 843 -46.55 -5.56 -46.02
C ARG A 843 -46.98 -4.25 -45.37
N ASN A 844 -47.14 -4.24 -44.05
CA ASN A 844 -47.59 -3.03 -43.36
C ASN A 844 -46.98 -3.01 -41.97
N LEU A 845 -46.87 -1.80 -41.41
CA LEU A 845 -46.30 -1.65 -40.07
C LEU A 845 -47.14 -2.37 -39.02
N PHE A 846 -48.47 -2.21 -39.10
CA PHE A 846 -49.34 -2.92 -38.16
C PHE A 846 -49.23 -4.43 -38.35
N TYR A 847 -49.17 -4.89 -39.61
CA TYR A 847 -48.99 -6.30 -39.86
C TYR A 847 -47.62 -6.79 -39.37
N LYS A 848 -46.57 -5.98 -39.58
CA LYS A 848 -45.24 -6.38 -39.16
C LYS A 848 -45.14 -6.49 -37.64
N TYR A 849 -45.73 -5.53 -36.92
CA TYR A 849 -45.66 -5.56 -35.46
C TYR A 849 -46.41 -6.76 -34.89
N ILE A 850 -47.57 -7.08 -35.45
CA ILE A 850 -48.41 -8.15 -34.91
C ILE A 850 -48.04 -9.51 -35.48
N ALA A 851 -47.72 -9.57 -36.77
CA ALA A 851 -47.55 -10.82 -37.50
C ALA A 851 -46.18 -10.87 -38.17
N ALA A 852 -45.14 -10.53 -37.42
CA ALA A 852 -43.78 -10.59 -37.97
C ALA A 852 -43.43 -12.00 -38.41
N LYS A 853 -43.74 -13.00 -37.59
CA LYS A 853 -43.47 -14.39 -37.96
C LYS A 853 -44.28 -14.80 -39.18
N ASN A 854 -45.56 -14.41 -39.22
CA ASN A 854 -46.40 -14.73 -40.37
C ASN A 854 -45.90 -14.04 -41.64
N ALA A 855 -45.48 -12.78 -41.51
CA ALA A 855 -44.93 -12.07 -42.66
C ALA A 855 -43.65 -12.72 -43.15
N GLU A 856 -42.79 -13.15 -42.23
CA GLU A 856 -41.57 -13.85 -42.62
C GLU A 856 -41.89 -15.15 -43.33
N TRP A 857 -42.89 -15.90 -42.82
CA TRP A 857 -43.28 -17.14 -43.46
C TRP A 857 -43.95 -16.92 -44.81
N SER A 858 -44.36 -15.69 -45.11
CA SER A 858 -45.00 -15.39 -46.39
C SER A 858 -43.96 -15.25 -47.50
N LYS A 865 -33.33 -14.25 -52.45
CA LYS A 865 -33.54 -13.42 -53.61
C LYS A 865 -33.41 -11.94 -53.27
N PRO A 866 -32.22 -11.39 -53.47
CA PRO A 866 -32.00 -9.97 -53.17
C PRO A 866 -32.77 -9.07 -54.11
N LYS A 867 -33.11 -7.88 -53.62
CA LYS A 867 -33.87 -6.90 -54.40
C LYS A 867 -33.46 -5.51 -53.94
N THR A 868 -34.14 -4.50 -54.48
CA THR A 868 -33.90 -3.11 -54.14
C THR A 868 -35.13 -2.54 -53.43
N LEU A 869 -34.94 -1.39 -52.80
CA LEU A 869 -36.03 -0.76 -52.05
C LEU A 869 -37.21 -0.43 -52.94
N GLU A 870 -36.93 0.18 -54.11
CA GLU A 870 -38.01 0.48 -55.05
C GLU A 870 -38.63 -0.80 -55.60
N GLN A 871 -37.80 -1.79 -55.93
CA GLN A 871 -38.32 -3.06 -56.42
C GLN A 871 -39.15 -3.76 -55.35
N ALA A 872 -38.68 -3.74 -54.10
CA ALA A 872 -39.43 -4.35 -53.01
C ALA A 872 -40.77 -3.65 -52.81
N GLU A 873 -40.78 -2.32 -52.87
CA GLU A 873 -42.04 -1.59 -52.73
C GLU A 873 -43.00 -1.91 -53.86
N GLU A 874 -42.49 -1.98 -55.09
CA GLU A 874 -43.34 -2.31 -56.23
C GLU A 874 -43.90 -3.72 -56.09
N LEU A 875 -43.08 -4.69 -55.67
CA LEU A 875 -43.55 -6.05 -55.51
C LEU A 875 -44.60 -6.14 -54.40
N PHE A 876 -44.39 -5.42 -53.29
CA PHE A 876 -45.37 -5.42 -52.21
C PHE A 876 -46.69 -4.80 -52.66
N GLY A 877 -46.61 -3.71 -53.42
CA GLY A 877 -47.83 -3.05 -53.89
C GLY A 877 -48.55 -3.80 -54.99
N GLN A 878 -47.84 -4.64 -55.75
CA GLN A 878 -48.46 -5.37 -56.85
C GLN A 878 -48.93 -6.76 -56.40
N VAL A 879 -48.03 -7.57 -55.88
CA VAL A 879 -48.35 -8.93 -55.43
C VAL A 879 -48.36 -8.92 -53.90
N ARG A 880 -49.53 -9.16 -53.32
CA ARG A 880 -49.67 -9.23 -51.87
C ARG A 880 -49.44 -10.65 -51.35
N ASP A 881 -48.30 -11.22 -51.72
CA ASP A 881 -47.93 -12.56 -51.28
C ASP A 881 -46.56 -12.60 -50.62
N VAL A 882 -45.61 -11.80 -51.10
CA VAL A 882 -44.27 -11.75 -50.54
C VAL A 882 -44.23 -10.61 -49.52
N HIS A 883 -44.23 -10.97 -48.23
CA HIS A 883 -44.17 -9.99 -47.15
C HIS A 883 -42.76 -9.80 -46.62
N ALA A 884 -41.75 -10.03 -47.47
CA ALA A 884 -40.35 -9.89 -47.07
C ALA A 884 -39.53 -9.57 -48.30
N TYR A 885 -38.33 -9.03 -48.05
CA TYR A 885 -37.42 -8.64 -49.12
C TYR A 885 -35.99 -8.84 -48.62
N PHE A 886 -35.04 -8.28 -49.36
CA PHE A 886 -33.62 -8.39 -48.99
C PHE A 886 -32.86 -7.24 -49.61
N VAL A 887 -32.18 -6.45 -48.78
CA VAL A 887 -31.35 -5.35 -49.24
C VAL A 887 -30.23 -5.16 -48.22
N PRO A 888 -28.97 -5.32 -48.62
CA PRO A 888 -27.87 -5.29 -47.63
C PRO A 888 -27.80 -4.00 -46.82
N ASP A 889 -27.71 -2.86 -47.51
CA ASP A 889 -27.61 -1.56 -46.85
C ASP A 889 -26.44 -1.52 -45.87
N GLY A 890 -25.36 -2.23 -46.21
CA GLY A 890 -24.18 -2.25 -45.37
C GLY A 890 -22.93 -2.08 -46.21
N VAL A 891 -21.89 -1.56 -45.57
CA VAL A 891 -20.62 -1.27 -46.23
C VAL A 891 -19.51 -2.03 -45.53
N LEU A 892 -18.62 -2.63 -46.32
CA LEU A 892 -17.42 -3.24 -45.78
C LEU A 892 -16.38 -2.17 -45.48
N MET A 893 -15.56 -2.42 -44.47
CA MET A 893 -14.58 -1.45 -44.00
C MET A 893 -13.24 -2.12 -43.78
N ARG A 894 -12.19 -1.35 -43.49
CA ARG A 894 -10.82 -1.85 -43.24
C ARG A 894 -10.49 -1.55 -41.79
N VAL A 895 -10.10 -2.51 -41.01
CA VAL A 895 -9.82 -2.41 -39.57
C VAL A 895 -8.45 -2.98 -39.30
N PRO A 896 -7.82 -2.57 -38.20
CA PRO A 896 -6.50 -3.15 -37.85
C PRO A 896 -6.63 -4.63 -37.50
N SER A 897 -5.48 -5.29 -37.53
CA SER A 897 -5.40 -6.73 -37.30
C SER A 897 -4.69 -7.09 -35.99
N SER A 898 -4.32 -6.09 -35.18
CA SER A 898 -3.67 -6.35 -33.92
C SER A 898 -3.93 -5.19 -32.98
N ASP A 899 -3.72 -5.44 -31.69
CA ASP A 899 -3.97 -4.44 -30.65
C ASP A 899 -2.74 -3.58 -30.37
N ILE A 900 -1.64 -3.80 -31.08
CA ILE A 900 -0.38 -3.10 -30.80
C ILE A 900 0.13 -2.41 -32.06
N VAL A 901 -0.78 -2.00 -32.94
CA VAL A 901 -0.39 -1.31 -34.17
C VAL A 901 0.20 0.05 -33.83
N SER A 902 0.95 0.60 -34.79
CA SER A 902 1.63 1.88 -34.59
C SER A 902 0.62 3.02 -34.51
N ARG A 903 0.94 4.02 -33.66
CA ARG A 903 0.02 5.12 -33.42
C ARG A 903 -0.16 5.99 -34.65
N ASN A 904 0.86 6.09 -35.51
CA ASN A 904 0.79 6.94 -36.69
C ASN A 904 0.10 6.26 -37.86
N TYR A 905 -0.34 5.01 -37.70
CA TYR A 905 -0.96 4.26 -38.79
C TYR A 905 -2.47 4.17 -38.68
N VAL A 906 -3.01 4.17 -37.45
CA VAL A 906 -4.44 4.03 -37.20
C VAL A 906 -5.23 5.08 -37.96
N GLN A 907 -4.58 6.20 -38.28
CA GLN A 907 -5.27 7.28 -38.98
C GLN A 907 -5.72 6.86 -40.38
N THR A 908 -4.93 6.02 -41.05
CA THR A 908 -5.27 5.66 -42.43
C THR A 908 -6.22 4.46 -42.51
N MET A 909 -6.67 3.93 -41.39
CA MET A 909 -7.62 2.84 -41.37
C MET A 909 -9.04 3.39 -41.29
N PHE A 910 -10.01 2.51 -41.07
CA PHE A 910 -11.43 2.89 -40.93
C PHE A 910 -11.92 3.68 -42.13
N VAL A 911 -11.66 3.15 -43.32
CA VAL A 911 -12.10 3.76 -44.57
C VAL A 911 -12.90 2.74 -45.35
N PRO A 912 -14.05 3.12 -45.93
CA PRO A 912 -14.86 2.15 -46.67
C PRO A 912 -14.09 1.56 -47.85
N VAL A 913 -14.27 0.26 -48.05
CA VAL A 913 -13.58 -0.48 -49.10
C VAL A 913 -14.60 -1.37 -49.79
N THR A 914 -14.49 -1.49 -51.12
CA THR A 914 -15.39 -2.35 -51.89
C THR A 914 -14.95 -3.80 -51.76
N LYS A 915 -15.64 -4.68 -52.50
CA LYS A 915 -15.39 -6.12 -52.41
C LYS A 915 -14.07 -6.54 -53.04
N ASP A 916 -13.45 -5.68 -53.86
CA ASP A 916 -12.22 -6.02 -54.57
C ASP A 916 -11.00 -5.33 -53.98
N ASP A 917 -11.07 -5.00 -52.68
CA ASP A 917 -9.97 -4.33 -51.97
C ASP A 917 -9.62 -2.99 -52.62
N LYS A 918 -10.61 -2.33 -53.21
CA LYS A 918 -10.45 -1.03 -53.83
C LYS A 918 -11.27 -0.01 -53.07
N LEU A 919 -10.64 1.13 -52.74
CA LEU A 919 -11.32 2.16 -51.98
C LEU A 919 -12.52 2.72 -52.76
N LEU A 920 -13.65 2.86 -52.08
CA LEU A 920 -14.82 3.44 -52.71
C LEU A 920 -14.58 4.90 -53.09
N LYS A 921 -13.91 5.66 -52.23
CA LYS A 921 -13.57 7.05 -52.48
C LYS A 921 -12.09 7.26 -52.23
N PRO A 922 -11.47 8.19 -52.95
CA PRO A 922 -10.04 8.45 -52.72
C PRO A 922 -9.79 9.05 -51.35
N LEU A 923 -8.62 8.75 -50.80
CA LEU A 923 -8.21 9.21 -49.48
C LEU A 923 -7.10 10.22 -49.64
N ASP A 924 -7.30 11.43 -49.10
CA ASP A 924 -6.30 12.48 -49.22
C ASP A 924 -5.13 12.22 -48.28
N LEU A 925 -3.99 12.80 -48.62
CA LEU A 925 -2.77 12.64 -47.84
C LEU A 925 -2.26 13.94 -47.24
N GLU A 926 -2.53 15.09 -47.86
CA GLU A 926 -2.06 16.36 -47.32
C GLU A 926 -2.71 16.65 -45.97
N ARG A 927 -4.02 16.42 -45.86
CA ARG A 927 -4.71 16.65 -44.59
C ARG A 927 -4.19 15.71 -43.50
N ILE A 928 -3.96 14.44 -43.85
CA ILE A 928 -3.44 13.48 -42.89
C ILE A 928 -2.04 13.91 -42.42
N LYS A 929 -1.19 14.33 -43.35
CA LYS A 929 0.15 14.76 -42.99
C LYS A 929 0.10 16.00 -42.09
N GLU A 930 -0.78 16.95 -42.42
CA GLU A 930 -0.91 18.15 -41.59
C GLU A 930 -1.39 17.81 -40.19
N ARG A 931 -2.38 16.92 -40.08
CA ARG A 931 -2.87 16.52 -38.77
C ARG A 931 -1.79 15.81 -37.97
N ASN A 932 -1.03 14.92 -38.61
CA ASN A 932 0.04 14.23 -37.92
C ASN A 932 1.12 15.20 -37.44
N LYS A 933 1.48 16.17 -38.29
CA LYS A 933 2.48 17.17 -37.90
C LYS A 933 1.98 18.01 -36.73
N ARG A 934 0.71 18.42 -36.77
CA ARG A 934 0.18 19.24 -35.68
C ARG A 934 0.10 18.45 -34.37
N ALA A 935 -0.31 17.19 -34.43
CA ALA A 935 -0.45 16.39 -33.22
C ALA A 935 0.89 15.88 -32.69
N ALA A 936 1.93 15.83 -33.52
CA ALA A 936 3.22 15.30 -33.08
C ALA A 936 3.98 16.28 -32.22
N GLY A 937 3.79 17.58 -32.42
CA GLY A 937 4.53 18.58 -31.68
C GLY A 937 5.83 18.95 -32.36
N GLU A 938 6.62 19.76 -31.65
CA GLU A 938 7.90 20.21 -32.20
C GLU A 938 8.86 19.05 -32.39
N PHE A 939 8.94 18.15 -31.42
CA PHE A 939 9.80 16.97 -31.53
C PHE A 939 9.06 15.80 -32.16
N GLY A 940 8.48 16.03 -33.34
CA GLY A 940 7.75 14.97 -34.02
C GLY A 940 8.63 13.96 -34.72
N TYR A 941 9.84 14.36 -35.10
CA TYR A 941 10.75 13.49 -35.83
C TYR A 941 11.69 12.70 -34.93
N LEU A 942 11.54 12.80 -33.61
CA LEU A 942 12.35 12.03 -32.67
C LEU A 942 11.72 10.70 -32.32
N ASP A 943 10.55 10.38 -32.86
CA ASP A 943 9.83 9.15 -32.52
C ASP A 943 9.95 8.15 -33.66
N GLU A 944 10.38 6.94 -33.33
CA GLU A 944 10.46 5.84 -34.29
C GLU A 944 9.33 4.87 -34.00
N GLN A 945 8.56 4.55 -35.03
CA GLN A 945 7.39 3.69 -34.90
C GLN A 945 7.71 2.28 -35.36
N ASN A 946 7.33 1.30 -34.55
CA ASN A 946 7.56 -0.11 -34.87
C ASN A 946 6.47 -0.58 -35.82
N THR A 947 6.73 -0.47 -37.12
CA THR A 947 5.78 -0.87 -38.14
C THR A 947 5.97 -2.33 -38.56
N GLU A 948 5.95 -3.22 -37.57
CA GLU A 948 6.09 -4.66 -37.80
C GLU A 948 4.75 -5.38 -37.76
N TYR A 949 3.97 -5.19 -36.70
CA TYR A 949 2.64 -5.79 -36.58
C TYR A 949 1.63 -4.82 -37.18
N ASP A 950 1.59 -4.78 -38.51
CA ASP A 950 0.78 -3.81 -39.25
C ASP A 950 0.09 -4.55 -40.41
N GLN A 951 -1.13 -5.03 -40.14
CA GLN A 951 -1.96 -5.66 -41.16
C GLN A 951 -3.35 -5.05 -41.10
N TYR A 952 -4.19 -5.42 -42.05
CA TYR A 952 -5.56 -4.93 -42.11
C TYR A 952 -6.49 -6.07 -42.50
N TYR A 953 -7.65 -6.13 -41.84
CA TYR A 953 -8.69 -7.10 -42.14
C TYR A 953 -9.77 -6.47 -43.02
N ILE A 954 -10.69 -7.31 -43.47
CA ILE A 954 -11.87 -6.87 -44.19
C ILE A 954 -13.08 -7.35 -43.40
N VAL A 955 -13.82 -6.42 -42.80
CA VAL A 955 -14.99 -6.83 -41.95
C VAL A 955 -16.25 -6.12 -42.45
N TYR A 956 -17.40 -6.44 -41.86
CA TYR A 956 -18.67 -5.76 -42.23
C TYR A 956 -19.12 -4.90 -41.06
N VAL A 957 -19.43 -3.62 -41.32
CA VAL A 957 -19.97 -2.74 -40.24
C VAL A 957 -21.41 -2.36 -40.62
N PRO A 958 -22.40 -2.52 -39.72
CA PRO A 958 -23.78 -2.22 -40.04
C PRO A 958 -24.07 -0.71 -40.10
N PRO A 959 -25.15 -0.22 -40.78
CA PRO A 959 -25.47 1.21 -40.75
C PRO A 959 -25.76 1.68 -39.33
N ASP A 960 -25.49 2.97 -39.09
CA ASP A 960 -25.62 3.58 -37.78
C ASP A 960 -24.75 2.85 -36.75
N PHE A 961 -23.44 2.90 -37.02
CA PHE A 961 -22.46 2.24 -36.16
C PHE A 961 -22.00 3.15 -35.02
N ARG A 962 -22.96 3.69 -34.28
CA ARG A 962 -22.65 4.45 -33.09
C ARG A 962 -23.54 4.12 -31.90
N LEU A 963 -24.66 3.42 -32.10
CA LEU A 963 -25.53 2.98 -31.01
C LEU A 963 -25.46 1.47 -30.77
N ARG A 964 -25.10 0.70 -31.79
CA ARG A 964 -25.02 -0.74 -31.65
C ARG A 964 -23.82 -1.19 -30.84
N TYR A 965 -22.81 -0.33 -30.67
CA TYR A 965 -21.68 -0.64 -29.81
C TYR A 965 -21.77 0.09 -28.47
N MET A 966 -22.92 0.68 -28.16
CA MET A 966 -23.29 1.09 -26.81
C MET A 966 -24.36 0.20 -26.20
N THR A 967 -25.31 -0.25 -27.03
CA THR A 967 -26.26 -1.25 -26.57
C THR A 967 -25.54 -2.53 -26.13
N LEU A 968 -24.42 -2.86 -26.78
CA LEU A 968 -23.64 -4.03 -26.38
C LEU A 968 -23.08 -3.86 -24.97
N LEU A 969 -22.57 -2.67 -24.65
CA LEU A 969 -22.07 -2.42 -23.30
C LEU A 969 -23.21 -2.47 -22.28
N GLY A 970 -24.36 -1.92 -22.64
CA GLY A 970 -25.52 -2.03 -21.75
C GLY A 970 -25.91 -3.46 -21.46
N LEU A 971 -25.94 -4.29 -22.51
CA LEU A 971 -26.29 -5.70 -22.31
C LEU A 971 -25.24 -6.44 -21.50
N VAL A 972 -23.96 -6.11 -21.70
CA VAL A 972 -22.90 -6.73 -20.91
C VAL A 972 -23.08 -6.39 -19.44
N TRP A 973 -23.37 -5.12 -19.13
CA TRP A 973 -23.61 -4.74 -17.75
C TRP A 973 -24.81 -5.50 -17.17
N LEU A 974 -25.90 -5.59 -17.94
CA LEU A 974 -27.08 -6.28 -17.47
C LEU A 974 -26.79 -7.73 -17.13
N PHE A 975 -26.06 -8.43 -18.02
CA PHE A 975 -25.82 -9.86 -17.81
C PHE A 975 -24.84 -10.09 -16.68
N ALA A 976 -23.81 -9.25 -16.55
CA ALA A 976 -22.90 -9.39 -15.42
C ALA A 976 -23.64 -9.18 -14.10
N SER A 977 -24.51 -8.19 -14.04
CA SER A 977 -25.30 -7.97 -12.83
C SER A 977 -26.22 -9.15 -12.53
N ILE A 978 -26.85 -9.71 -13.57
CA ILE A 978 -27.71 -10.86 -13.38
C ILE A 978 -26.92 -12.02 -12.78
N LEU A 979 -25.72 -12.27 -13.33
CA LEU A 979 -24.90 -13.37 -12.83
C LEU A 979 -24.55 -13.16 -11.36
N MET A 980 -24.07 -11.96 -11.01
CA MET A 980 -23.63 -11.72 -9.64
C MET A 980 -24.78 -11.84 -8.65
N LEU A 981 -25.92 -11.20 -8.97
CA LEU A 981 -27.08 -11.26 -8.08
C LEU A 981 -27.59 -12.69 -7.92
N GLY A 982 -27.68 -13.43 -9.02
CA GLY A 982 -28.14 -14.80 -8.94
C GLY A 982 -27.25 -15.66 -8.07
N VAL A 983 -25.93 -15.52 -8.25
CA VAL A 983 -25.00 -16.32 -7.45
C VAL A 983 -25.16 -16.00 -5.97
N THR A 984 -25.21 -14.70 -5.64
CA THR A 984 -25.30 -14.31 -4.24
C THR A 984 -26.58 -14.83 -3.60
N PHE A 985 -27.72 -14.57 -4.24
CA PHE A 985 -28.99 -14.97 -3.64
C PHE A 985 -29.11 -16.49 -3.53
N ILE A 986 -28.67 -17.22 -4.56
CA ILE A 986 -28.76 -18.68 -4.51
C ILE A 986 -27.89 -19.22 -3.39
N SER A 987 -26.67 -18.69 -3.24
CA SER A 987 -25.79 -19.16 -2.17
C SER A 987 -26.41 -18.92 -0.80
N GLN A 988 -26.91 -17.71 -0.57
CA GLN A 988 -27.49 -17.40 0.74
C GLN A 988 -28.70 -18.27 1.03
N ALA A 989 -29.58 -18.46 0.04
CA ALA A 989 -30.78 -19.26 0.26
C ALA A 989 -30.43 -20.71 0.55
N LEU A 990 -29.47 -21.27 -0.20
CA LEU A 990 -29.08 -22.66 0.03
C LEU A 990 -28.50 -22.84 1.43
N ILE A 991 -27.63 -21.93 1.86
CA ILE A 991 -27.02 -22.09 3.18
C ILE A 991 -28.07 -21.91 4.27
N ASN A 992 -29.01 -20.98 4.08
CA ASN A 992 -30.06 -20.79 5.08
C ASN A 992 -30.92 -22.05 5.21
N PHE A 993 -31.31 -22.63 4.07
CA PHE A 993 -32.08 -23.87 4.10
C PHE A 993 -31.30 -24.94 4.85
N VAL A 994 -30.04 -25.16 4.46
CA VAL A 994 -29.27 -26.25 5.06
C VAL A 994 -29.15 -26.05 6.56
N CYS A 995 -28.75 -24.86 6.99
CA CYS A 995 -28.54 -24.61 8.41
C CYS A 995 -29.84 -24.77 9.20
N SER A 996 -30.90 -24.08 8.77
CA SER A 996 -32.13 -24.05 9.55
C SER A 996 -32.82 -25.41 9.61
N PHE A 997 -32.86 -26.14 8.51
CA PHE A 997 -33.51 -27.44 8.51
C PHE A 997 -32.55 -28.57 8.86
N GLY A 998 -31.31 -28.24 9.17
CA GLY A 998 -30.33 -29.18 9.69
C GLY A 998 -30.10 -28.96 11.16
N PHE A 999 -29.12 -28.10 11.46
CA PHE A 999 -28.58 -28.02 12.81
C PHE A 999 -29.63 -27.60 13.83
N LEU A 1000 -30.49 -26.65 13.48
CA LEU A 1000 -31.39 -26.07 14.47
C LEU A 1000 -32.27 -27.10 15.19
N PRO A 1001 -32.93 -28.04 14.49
CA PRO A 1001 -33.63 -29.11 15.23
C PRO A 1001 -32.69 -29.93 16.11
N VAL A 1002 -31.47 -30.18 15.66
CA VAL A 1002 -30.54 -31.00 16.45
C VAL A 1002 -30.18 -30.29 17.75
N VAL A 1003 -29.85 -29.00 17.67
CA VAL A 1003 -29.53 -28.25 18.87
C VAL A 1003 -30.76 -28.10 19.76
N LYS A 1004 -31.94 -27.96 19.14
CA LYS A 1004 -33.17 -27.87 19.95
C LYS A 1004 -33.42 -29.17 20.70
N LEU A 1005 -33.08 -30.31 20.10
CA LEU A 1005 -33.27 -31.58 20.77
C LEU A 1005 -32.23 -31.81 21.86
N LEU A 1006 -30.96 -31.48 21.58
CA LEU A 1006 -29.90 -31.74 22.54
C LEU A 1006 -29.90 -30.72 23.68
N LEU A 1007 -29.72 -29.45 23.34
CA LEU A 1007 -29.71 -28.38 24.33
C LEU A 1007 -31.10 -27.75 24.45
N GLY A 1008 -31.41 -27.30 25.65
CA GLY A 1008 -32.70 -26.71 25.91
C GLY A 1008 -32.91 -25.40 25.16
N GLU A 1009 -34.16 -24.93 25.17
CA GLU A 1009 -34.54 -23.72 24.45
C GLU A 1009 -34.05 -22.49 25.22
N ARG A 1010 -32.73 -22.35 25.27
CA ARG A 1010 -32.10 -21.24 25.96
C ARG A 1010 -30.66 -21.06 25.50
N VAL A 1013 -26.36 -20.07 22.96
CA VAL A 1013 -25.93 -20.15 21.57
C VAL A 1013 -27.13 -20.37 20.66
N TYR A 1014 -28.11 -21.12 21.16
CA TYR A 1014 -29.32 -21.37 20.37
C TYR A 1014 -30.10 -20.09 20.12
N VAL A 1015 -30.17 -19.21 21.12
CA VAL A 1015 -30.96 -17.99 20.99
C VAL A 1015 -30.42 -17.11 19.88
N ALA A 1016 -29.09 -16.92 19.85
CA ALA A 1016 -28.49 -16.10 18.81
C ALA A 1016 -28.68 -16.74 17.43
N TRP A 1017 -28.48 -18.05 17.33
CA TRP A 1017 -28.64 -18.73 16.05
C TRP A 1017 -30.08 -18.72 15.57
N LYS A 1018 -31.05 -18.61 16.48
CA LYS A 1018 -32.44 -18.57 16.08
C LYS A 1018 -32.81 -17.20 15.52
N GLU A 1019 -32.27 -16.13 16.09
CA GLU A 1019 -32.56 -14.79 15.59
C GLU A 1019 -31.81 -14.51 14.28
N LEU A 1020 -30.55 -14.95 14.20
CA LEU A 1020 -29.76 -14.70 13.01
C LEU A 1020 -30.29 -15.46 11.79
N SER A 1021 -31.00 -16.57 11.99
CA SER A 1021 -31.55 -17.34 10.90
C SER A 1021 -33.02 -17.00 10.63
N ASP A 1022 -33.58 -16.03 11.34
CA ASP A 1022 -34.95 -15.60 11.11
C ASP A 1022 -35.04 -14.28 10.35
N ILE A 1023 -34.05 -13.40 10.48
CA ILE A 1023 -34.01 -12.17 9.70
C ILE A 1023 -33.31 -12.35 8.37
N SER A 1024 -32.50 -13.40 8.21
CA SER A 1024 -31.76 -13.61 6.97
C SER A 1024 -32.68 -13.89 5.79
N TYR A 1025 -33.96 -14.16 6.02
CA TYR A 1025 -34.92 -14.28 4.94
C TYR A 1025 -35.20 -12.96 4.25
N SER A 1026 -34.82 -11.83 4.85
CA SER A 1026 -35.07 -10.53 4.23
C SER A 1026 -33.88 -9.58 4.34
N TYR A 1027 -32.69 -10.09 4.64
CA TYR A 1027 -31.50 -9.27 4.76
C TYR A 1027 -30.32 -10.02 4.15
N LEU A 1028 -29.19 -9.33 4.04
CA LEU A 1028 -27.99 -9.91 3.47
C LEU A 1028 -27.08 -10.48 4.57
N ASN A 1029 -26.40 -11.56 4.25
CA ASN A 1029 -25.43 -12.18 5.15
C ASN A 1029 -24.18 -12.53 4.36
N ILE A 1030 -23.03 -12.00 4.79
CA ILE A 1030 -21.79 -12.25 4.07
C ILE A 1030 -21.32 -13.69 4.27
N TYR A 1031 -21.40 -14.20 5.49
CA TYR A 1031 -20.88 -15.53 5.80
C TYR A 1031 -21.65 -16.61 5.04
N TYR A 1032 -22.98 -16.51 5.04
CA TYR A 1032 -23.79 -17.47 4.31
C TYR A 1032 -23.48 -17.40 2.82
N VAL A 1033 -23.27 -16.20 2.29
CA VAL A 1033 -22.96 -16.04 0.88
C VAL A 1033 -21.64 -16.71 0.54
N CYS A 1034 -20.63 -16.55 1.40
CA CYS A 1034 -19.33 -17.18 1.15
C CYS A 1034 -19.42 -18.70 1.21
N VAL A 1035 -20.12 -19.23 2.22
CA VAL A 1035 -20.23 -20.68 2.34
C VAL A 1035 -20.98 -21.27 1.16
N GLY A 1036 -22.08 -20.61 0.76
CA GLY A 1036 -22.79 -21.03 -0.43
C GLY A 1036 -21.95 -20.92 -1.68
N SER A 1037 -21.07 -19.91 -1.74
CA SER A 1037 -20.19 -19.78 -2.90
C SER A 1037 -19.25 -20.97 -3.02
N VAL A 1038 -18.65 -21.40 -1.91
CA VAL A 1038 -17.73 -22.54 -2.00
C VAL A 1038 -18.50 -23.84 -2.29
N CYS A 1039 -19.67 -24.01 -1.67
CA CYS A 1039 -20.46 -25.21 -1.96
C CYS A 1039 -20.91 -25.24 -3.42
N LEU A 1040 -21.32 -24.09 -3.95
CA LEU A 1040 -21.70 -24.00 -5.36
C LEU A 1040 -20.48 -24.18 -6.26
N SER A 1041 -19.29 -23.80 -5.80
CA SER A 1041 -18.09 -24.08 -6.58
C SER A 1041 -17.91 -25.59 -6.74
N LYS A 1042 -18.08 -26.34 -5.64
CA LYS A 1042 -18.01 -27.80 -5.73
C LYS A 1042 -19.09 -28.34 -6.67
N ILE A 1043 -20.32 -27.84 -6.51
CA ILE A 1043 -21.44 -28.36 -7.30
C ILE A 1043 -21.24 -28.06 -8.79
N ALA A 1044 -20.77 -26.86 -9.11
CA ALA A 1044 -20.55 -26.48 -10.50
C ALA A 1044 -19.34 -27.22 -11.09
N LYS A 1045 -18.33 -27.52 -10.27
CA LYS A 1045 -17.26 -28.40 -10.75
C LYS A 1045 -17.81 -29.76 -11.13
N ASP A 1046 -18.70 -30.31 -10.29
CA ASP A 1046 -19.33 -31.58 -10.63
C ASP A 1046 -20.16 -31.47 -11.91
N ILE A 1047 -20.90 -30.37 -12.06
CA ILE A 1047 -21.72 -30.16 -13.26
C ILE A 1047 -20.85 -30.12 -14.51
N LEU A 1048 -19.75 -29.35 -14.44
CA LEU A 1048 -18.86 -29.24 -15.59
C LEU A 1048 -18.21 -30.58 -15.92
N HIS A 1049 -17.83 -31.34 -14.89
CA HIS A 1049 -17.28 -32.67 -15.12
C HIS A 1049 -18.30 -33.58 -15.79
N PHE A 1050 -19.56 -33.53 -15.36
CA PHE A 1050 -20.59 -34.37 -15.94
C PHE A 1050 -21.12 -33.78 -17.25
N THR A 1051 -21.66 -32.56 -17.20
CA THR A 1051 -22.22 -31.92 -18.38
C THR A 1051 -21.51 -30.59 -18.66
N GLU A 1092 -10.27 -31.27 -4.10
CA GLU A 1092 -9.90 -30.32 -3.07
C GLU A 1092 -10.93 -30.27 -1.95
N GLY A 1093 -11.16 -31.42 -1.31
CA GLY A 1093 -12.13 -31.49 -0.24
C GLY A 1093 -11.70 -30.75 1.00
N GLN A 1094 -10.65 -31.25 1.67
CA GLN A 1094 -10.13 -30.59 2.86
C GLN A 1094 -8.62 -30.42 2.89
N GLY A 1095 -7.85 -31.21 2.15
CA GLY A 1095 -6.41 -31.19 2.28
C GLY A 1095 -5.69 -30.17 1.40
N ILE A 1096 -6.20 -29.97 0.18
CA ILE A 1096 -5.55 -29.05 -0.74
C ILE A 1096 -5.63 -27.62 -0.23
N PHE A 1097 -6.61 -27.31 0.62
CA PHE A 1097 -6.76 -25.96 1.14
C PHE A 1097 -5.49 -25.49 1.85
N MET A 1098 -5.11 -26.18 2.93
CA MET A 1098 -3.88 -25.82 3.63
C MET A 1098 -2.64 -26.14 2.80
N ALA A 1099 -2.73 -27.05 1.84
CA ALA A 1099 -1.60 -27.31 0.96
C ALA A 1099 -1.23 -26.07 0.16
N ILE A 1100 -2.24 -25.40 -0.40
CA ILE A 1100 -1.99 -24.13 -1.10
C ILE A 1100 -1.69 -23.01 -0.12
N PHE A 1101 -2.33 -23.04 1.07
CA PHE A 1101 -2.11 -21.98 2.05
C PHE A 1101 -0.65 -21.96 2.53
N ASN A 1102 -0.05 -23.14 2.70
CA ASN A 1102 1.35 -23.20 3.12
C ASN A 1102 2.27 -22.57 2.08
N SER A 1103 2.03 -22.87 0.80
CA SER A 1103 2.82 -22.25 -0.26
C SER A 1103 2.59 -20.74 -0.31
N ILE A 1104 1.36 -20.30 -0.06
CA ILE A 1104 1.07 -18.87 -0.04
C ILE A 1104 1.85 -18.19 1.09
N PHE A 1105 1.85 -18.80 2.26
CA PHE A 1105 2.52 -18.23 3.44
C PHE A 1105 4.03 -18.42 3.40
N ASP A 1106 4.55 -19.27 2.51
CA ASP A 1106 5.99 -19.49 2.42
C ASP A 1106 6.69 -18.27 1.83
N ASN A 1113 5.49 -12.00 7.79
CA ASN A 1113 4.35 -11.71 8.65
C ASN A 1113 4.38 -12.58 9.91
N LEU A 1114 4.55 -13.90 9.71
CA LEU A 1114 4.57 -14.82 10.84
C LEU A 1114 5.88 -14.72 11.62
N MET A 1115 6.97 -14.36 10.94
CA MET A 1115 8.27 -14.29 11.61
C MET A 1115 8.28 -13.20 12.68
N VAL A 1116 7.67 -12.04 12.38
CA VAL A 1116 7.68 -10.94 13.33
C VAL A 1116 6.58 -11.10 14.37
N PHE A 1117 5.38 -11.51 13.94
CA PHE A 1117 4.26 -11.61 14.86
C PHE A 1117 4.51 -12.63 15.95
N ILE A 1118 5.06 -13.80 15.59
CA ILE A 1118 5.32 -14.84 16.58
C ILE A 1118 6.36 -14.38 17.60
N ALA A 1119 7.45 -13.76 17.13
CA ALA A 1119 8.49 -13.30 18.04
C ALA A 1119 7.99 -12.17 18.93
N ILE A 1120 7.22 -11.24 18.37
CA ILE A 1120 6.72 -10.11 19.16
C ILE A 1120 5.77 -10.59 20.24
N MET A 1121 4.86 -11.50 19.90
CA MET A 1121 3.91 -12.02 20.89
C MET A 1121 4.63 -12.77 22.00
N ILE A 1122 5.62 -13.59 21.64
CA ILE A 1122 6.35 -14.36 22.65
C ILE A 1122 7.12 -13.43 23.58
N ALA A 1123 7.80 -12.44 23.01
CA ALA A 1123 8.56 -11.49 23.84
C ALA A 1123 7.65 -10.68 24.73
N VAL A 1124 6.50 -10.24 24.20
CA VAL A 1124 5.55 -9.46 25.00
C VAL A 1124 4.96 -10.32 26.11
N ILE A 1125 4.63 -11.57 25.82
CA ILE A 1125 4.05 -12.45 26.83
C ILE A 1125 5.02 -12.67 27.98
N ARG A 1126 6.28 -12.92 27.66
CA ARG A 1126 7.30 -13.05 28.71
C ARG A 1126 7.46 -11.74 29.47
N THR A 1127 7.46 -10.62 28.75
CA THR A 1127 7.55 -9.31 29.41
C THR A 1127 6.34 -9.06 30.30
N MET A 1128 5.14 -9.38 29.82
CA MET A 1128 3.95 -9.18 30.62
C MET A 1128 3.98 -10.02 31.89
N VAL A 1129 4.40 -11.29 31.78
CA VAL A 1129 4.53 -12.13 32.96
C VAL A 1129 5.61 -11.60 33.89
N SER A 1130 6.75 -11.18 33.32
CA SER A 1130 7.83 -10.64 34.14
C SER A 1130 7.42 -9.34 34.82
N TRP A 1131 6.72 -8.47 34.09
CA TRP A 1131 6.27 -7.22 34.67
C TRP A 1131 5.28 -7.45 35.81
N VAL A 1132 4.35 -8.39 35.63
CA VAL A 1132 3.38 -8.69 36.68
C VAL A 1132 4.07 -9.35 37.86
N VAL A 1133 5.00 -10.28 37.59
CA VAL A 1133 5.71 -10.96 38.67
C VAL A 1133 6.54 -9.96 39.48
N LEU A 1134 7.22 -9.05 38.79
CA LEU A 1134 7.98 -8.01 39.50
C LEU A 1134 7.05 -7.11 40.30
N THR A 1135 5.92 -6.72 39.73
CA THR A 1135 4.94 -5.93 40.47
C THR A 1135 4.38 -6.72 41.65
N ASP A 1136 4.07 -8.00 41.44
CA ASP A 1136 3.59 -8.84 42.54
C ASP A 1136 4.68 -9.05 43.59
N GLY A 1137 5.92 -9.27 43.14
CA GLY A 1137 7.01 -9.46 44.08
C GLY A 1137 7.34 -8.21 44.88
N ILE A 1138 7.12 -7.03 44.29
CA ILE A 1138 7.42 -5.78 44.99
C ILE A 1138 6.51 -5.63 46.21
N LEU A 1139 5.22 -5.98 46.08
CA LEU A 1139 4.29 -5.86 47.18
C LEU A 1139 4.61 -6.81 48.33
N ALA A 1140 5.36 -7.88 48.07
CA ALA A 1140 5.69 -8.83 49.13
C ALA A 1140 6.53 -8.17 50.21
N CYS A 1141 7.48 -7.31 49.82
CA CYS A 1141 8.33 -6.64 50.80
C CYS A 1141 7.51 -5.71 51.70
N TYR A 1142 6.52 -5.04 51.13
CA TYR A 1142 5.68 -4.15 51.93
C TYR A 1142 4.91 -4.92 53.01
N ASN A 1143 4.38 -6.09 52.65
CA ASN A 1143 3.69 -6.92 53.64
C ASN A 1143 4.64 -7.37 54.73
N TYR A 1144 5.86 -7.79 54.35
CA TYR A 1144 6.85 -8.20 55.35
C TYR A 1144 7.24 -7.03 56.24
N LEU A 1145 7.38 -5.84 55.65
CA LEU A 1145 7.71 -4.66 56.45
C LEU A 1145 6.61 -4.33 57.44
N THR A 1146 5.35 -4.49 57.03
CA THR A 1146 4.24 -4.23 57.93
C THR A 1146 4.25 -5.20 59.12
N ILE A 1147 4.55 -6.46 58.87
CA ILE A 1147 4.60 -7.47 59.93
C ILE A 1147 5.81 -7.24 60.83
N SER A 1154 2.13 -1.25 59.97
CA SER A 1154 2.85 -0.90 58.76
C SER A 1154 3.69 0.36 58.97
N TYR A 1155 4.77 0.23 59.74
CA TYR A 1155 5.63 1.37 60.00
C TYR A 1155 6.46 1.73 58.79
N THR A 1156 7.29 0.79 58.32
CA THR A 1156 8.10 1.03 57.13
C THR A 1156 7.23 1.22 55.89
N ILE A 1157 6.19 0.41 55.74
CA ILE A 1157 5.30 0.54 54.60
C ILE A 1157 4.59 1.89 54.62
N GLY A 1158 4.12 2.30 55.81
CA GLY A 1158 3.47 3.60 55.91
C GLY A 1158 4.40 4.75 55.62
N ASN A 1159 5.64 4.66 56.12
CA ASN A 1159 6.62 5.71 55.85
C ASN A 1159 6.97 5.79 54.37
N SER A 1160 7.09 4.64 53.71
CA SER A 1160 7.39 4.64 52.28
C SER A 1160 6.20 5.11 51.44
N LYS A 1161 4.99 4.86 51.91
CA LYS A 1161 3.79 5.22 51.14
C LYS A 1161 3.67 6.73 50.94
N TRP A 1162 4.32 7.53 51.77
CA TRP A 1162 4.23 8.98 51.62
C TRP A 1162 4.80 9.44 50.28
N PHE A 1163 5.95 8.88 49.89
CA PHE A 1163 6.60 9.28 48.64
C PHE A 1163 6.18 8.40 47.47
N LYS A 1164 4.87 8.26 47.28
CA LYS A 1164 4.28 7.55 46.15
C LYS A 1164 4.89 6.15 45.98
N TYR A 1165 4.80 5.36 47.04
CA TYR A 1165 5.34 4.00 47.00
C TYR A 1165 4.51 3.08 46.13
N ASP A 1166 3.26 3.44 45.84
CA ASP A 1166 2.37 2.60 45.04
C ASP A 1166 2.64 2.72 43.55
N GLU A 1167 3.51 3.64 43.12
CA GLU A 1167 3.72 3.85 41.69
C GLU A 1167 5.21 3.81 41.32
N SER A 1168 6.09 4.13 42.27
CA SER A 1168 7.51 4.09 41.98
C SER A 1168 7.99 2.68 41.71
N LEU A 1169 7.57 1.72 42.54
CA LEU A 1169 7.93 0.33 42.33
C LEU A 1169 7.36 -0.20 41.02
N LEU A 1170 6.12 0.17 40.71
CA LEU A 1170 5.50 -0.25 39.45
C LEU A 1170 6.26 0.31 38.25
N PHE A 1171 6.67 1.58 38.34
CA PHE A 1171 7.43 2.19 37.24
C PHE A 1171 8.78 1.50 37.06
N VAL A 1172 9.47 1.21 38.18
CA VAL A 1172 10.76 0.54 38.10
C VAL A 1172 10.60 -0.85 37.49
N VAL A 1173 9.57 -1.58 37.92
CA VAL A 1173 9.31 -2.91 37.38
C VAL A 1173 9.00 -2.83 35.90
N TRP A 1174 8.20 -1.85 35.49
CA TRP A 1174 7.87 -1.68 34.08
C TRP A 1174 9.12 -1.38 33.25
N ILE A 1175 10.01 -0.53 33.77
CA ILE A 1175 11.23 -0.21 33.05
C ILE A 1175 12.12 -1.45 32.91
N ILE A 1176 12.24 -2.22 33.99
CA ILE A 1176 13.06 -3.43 33.94
C ILE A 1176 12.47 -4.43 32.95
N SER A 1177 11.14 -4.60 32.97
CA SER A 1177 10.49 -5.51 32.05
C SER A 1177 10.65 -5.04 30.60
N SER A 1178 10.60 -3.73 30.38
CA SER A 1178 10.80 -3.20 29.04
C SER A 1178 12.21 -3.48 28.54
N MET A 1179 13.21 -3.29 29.40
CA MET A 1179 14.59 -3.59 29.02
C MET A 1179 14.76 -5.07 28.72
N VAL A 1180 14.18 -5.94 29.55
CA VAL A 1180 14.27 -7.37 29.32
C VAL A 1180 13.59 -7.75 28.02
N ASN A 1181 12.43 -7.15 27.74
CA ASN A 1181 11.72 -7.42 26.50
C ASN A 1181 12.53 -6.96 25.30
N PHE A 1182 13.18 -5.79 25.40
CA PHE A 1182 14.02 -5.33 24.30
C PHE A 1182 15.17 -6.28 24.04
N GLY A 1183 15.83 -6.75 25.10
CA GLY A 1183 16.91 -7.70 24.91
C GLY A 1183 16.44 -9.01 24.31
N THR A 1184 15.32 -9.54 24.81
CA THR A 1184 14.77 -10.79 24.29
C THR A 1184 14.37 -10.63 22.82
N GLY A 1185 13.75 -9.51 22.47
CA GLY A 1185 13.36 -9.29 21.10
C GLY A 1185 14.55 -9.15 20.17
N TYR A 1186 15.61 -8.47 20.62
CA TYR A 1186 16.82 -8.39 19.82
C TYR A 1186 17.41 -9.77 19.59
N LYS A 1187 17.48 -10.59 20.65
CA LYS A 1187 18.01 -11.94 20.51
C LYS A 1187 17.15 -12.78 19.57
N SER A 1188 15.83 -12.68 19.69
CA SER A 1188 14.93 -13.43 18.82
C SER A 1188 15.06 -13.00 17.37
N LEU A 1189 15.17 -11.69 17.13
CA LEU A 1189 15.35 -11.20 15.76
C LEU A 1189 16.67 -11.68 15.17
N LYS A 1190 17.74 -11.65 15.97
CA LYS A 1190 19.02 -12.17 15.49
C LYS A 1190 18.92 -13.66 15.15
N LEU A 1191 18.27 -14.44 16.02
CA LEU A 1191 18.13 -15.87 15.77
C LEU A 1191 17.30 -16.12 14.52
N PHE A 1192 16.21 -15.37 14.33
CA PHE A 1192 15.37 -15.54 13.16
C PHE A 1192 16.12 -15.16 11.88
N PHE A 1193 16.91 -14.08 11.92
CA PHE A 1193 17.70 -13.70 10.76
C PHE A 1193 18.76 -14.75 10.44
N ARG A 1194 19.38 -15.32 11.47
CA ARG A 1194 20.35 -16.39 11.24
C ARG A 1194 19.68 -17.61 10.61
N ASN A 1195 18.53 -18.01 11.15
CA ASN A 1195 17.78 -19.15 10.63
C ASN A 1195 16.71 -18.68 9.64
N ARG A 1196 17.16 -18.01 8.60
CA ARG A 1196 16.27 -17.48 7.58
C ARG A 1196 16.07 -18.49 6.44
N ASN A 1202 8.96 -28.27 5.87
CA ASN A 1202 10.12 -28.82 6.56
C ASN A 1202 10.93 -27.73 7.24
N PHE A 1203 11.40 -26.77 6.43
CA PHE A 1203 12.17 -25.65 6.97
C PHE A 1203 11.31 -24.81 7.91
N LEU A 1204 10.06 -24.55 7.54
CA LEU A 1204 9.17 -23.80 8.41
C LEU A 1204 8.88 -24.55 9.69
N LYS A 1205 8.70 -25.87 9.60
CA LYS A 1205 8.43 -26.67 10.79
C LYS A 1205 9.60 -26.62 11.76
N THR A 1206 10.82 -26.73 11.25
CA THR A 1206 12.00 -26.64 12.11
C THR A 1206 12.11 -25.25 12.74
N MET A 1207 11.87 -24.20 11.96
CA MET A 1207 11.90 -22.85 12.51
C MET A 1207 10.81 -22.63 13.54
N ALA A 1208 9.61 -23.15 13.27
CA ALA A 1208 8.51 -23.02 14.22
C ALA A 1208 8.80 -23.76 15.52
N LEU A 1209 9.41 -24.94 15.41
CA LEU A 1209 9.77 -25.71 16.60
C LEU A 1209 10.79 -24.95 17.45
N GLU A 1210 11.78 -24.33 16.81
CA GLU A 1210 12.77 -23.54 17.54
C GLU A 1210 12.12 -22.36 18.24
N LEU A 1211 11.22 -21.65 17.55
CA LEU A 1211 10.49 -20.55 18.18
C LEU A 1211 9.60 -21.04 19.31
N PHE A 1212 8.92 -22.18 19.10
CA PHE A 1212 8.05 -22.72 20.13
C PHE A 1212 8.85 -23.16 21.35
N LYS A 1213 9.99 -23.82 21.13
CA LYS A 1213 10.81 -24.27 22.25
C LYS A 1213 11.33 -23.09 23.07
N GLN A 1214 11.81 -22.04 22.40
CA GLN A 1214 12.30 -20.86 23.12
C GLN A 1214 11.15 -20.17 23.85
N GLY A 1215 9.99 -20.03 23.20
CA GLY A 1215 8.86 -19.39 23.85
C GLY A 1215 8.32 -20.19 25.02
N PHE A 1216 8.19 -21.51 24.84
CA PHE A 1216 7.65 -22.35 25.91
C PHE A 1216 8.56 -22.37 27.13
N LEU A 1217 9.87 -22.48 26.90
CA LEU A 1217 10.81 -22.54 28.02
C LEU A 1217 10.78 -21.26 28.85
N HIS A 1218 10.77 -20.11 28.18
CA HIS A 1218 10.70 -18.84 28.91
C HIS A 1218 9.37 -18.68 29.63
N MET A 1219 8.27 -19.01 28.96
CA MET A 1219 6.95 -18.87 29.59
C MET A 1219 6.78 -19.83 30.76
N VAL A 1220 7.25 -21.07 30.63
CA VAL A 1220 7.09 -22.04 31.69
C VAL A 1220 7.88 -21.63 32.93
N ILE A 1221 9.13 -21.19 32.74
CA ILE A 1221 9.96 -20.80 33.87
C ILE A 1221 9.38 -19.57 34.58
N TYR A 1222 8.92 -18.58 33.79
CA TYR A 1222 8.37 -17.38 34.39
C TYR A 1222 7.06 -17.66 35.12
N VAL A 1223 6.22 -18.52 34.55
CA VAL A 1223 4.92 -18.79 35.15
C VAL A 1223 4.98 -19.84 36.25
N LEU A 1224 6.06 -20.61 36.32
CA LEU A 1224 6.17 -21.63 37.36
C LEU A 1224 6.15 -21.03 38.76
N PRO A 1225 6.92 -19.98 39.07
CA PRO A 1225 6.80 -19.36 40.41
C PRO A 1225 5.40 -18.85 40.69
N ILE A 1226 4.72 -18.30 39.68
CA ILE A 1226 3.35 -17.83 39.87
C ILE A 1226 2.41 -19.00 40.15
N ILE A 1227 2.58 -20.10 39.41
CA ILE A 1227 1.73 -21.27 39.61
C ILE A 1227 1.94 -21.86 41.00
N ILE A 1228 3.21 -21.95 41.44
CA ILE A 1228 3.49 -22.44 42.77
C ILE A 1228 2.89 -21.52 43.82
N LEU A 1229 3.02 -20.21 43.63
CA LEU A 1229 2.38 -19.26 44.54
C LEU A 1229 0.87 -19.39 44.50
N SER A 1230 0.30 -19.57 43.30
CA SER A 1230 -1.14 -19.76 43.18
C SER A 1230 -1.60 -21.02 43.91
N LEU A 1231 -0.82 -22.10 43.78
CA LEU A 1231 -1.16 -23.34 44.48
C LEU A 1231 -1.07 -23.15 46.00
N VAL A 1232 -0.06 -22.43 46.47
CA VAL A 1232 0.06 -22.16 47.90
C VAL A 1232 -1.09 -21.30 48.38
N PHE A 1233 -1.49 -20.29 47.59
CA PHE A 1233 -2.60 -19.44 47.98
C PHE A 1233 -3.90 -20.22 48.03
N LEU A 1234 -4.11 -21.13 47.09
CA LEU A 1234 -5.31 -21.95 47.05
C LEU A 1234 -5.29 -23.02 48.16
N HIS A 1247 0.00 -8.99 41.47
CA HIS A 1247 -1.06 -8.80 42.45
C HIS A 1247 -1.40 -10.10 43.16
N GLY A 1248 -2.69 -10.45 43.17
CA GLY A 1248 -3.11 -11.71 43.77
C GLY A 1248 -2.95 -11.67 45.28
N SER A 1249 -2.25 -12.67 45.82
CA SER A 1249 -2.11 -12.80 47.27
C SER A 1249 -1.33 -11.64 47.86
N ARG A 1250 -0.27 -11.21 47.18
CA ARG A 1250 0.53 -10.09 47.69
C ARG A 1250 -0.31 -8.81 47.74
N SER A 1251 -1.07 -8.53 46.69
CA SER A 1251 -1.94 -7.35 46.68
C SER A 1251 -3.01 -7.44 47.75
N PHE A 1252 -3.59 -8.63 47.94
CA PHE A 1252 -4.60 -8.80 48.97
C PHE A 1252 -4.01 -8.56 50.36
N THR A 1253 -2.82 -9.09 50.61
CA THR A 1253 -2.17 -8.87 51.91
C THR A 1253 -1.84 -7.39 52.11
N LEU A 1254 -1.38 -6.72 51.06
CA LEU A 1254 -1.07 -5.29 51.17
C LEU A 1254 -2.33 -4.49 51.47
N SER A 1255 -3.44 -4.81 50.80
CA SER A 1255 -4.68 -4.06 50.98
C SER A 1255 -5.40 -4.41 52.27
N LEU A 1256 -5.13 -5.57 52.86
CA LEU A 1256 -5.78 -5.98 54.10
C LEU A 1256 -5.16 -5.29 55.30
N ASN A 1257 -5.29 -3.96 55.32
CA ASN A 1257 -4.79 -3.18 56.44
C ASN A 1257 -5.63 -3.38 57.69
N GLU A 1258 -6.93 -3.64 57.53
CA GLU A 1258 -7.84 -3.86 58.64
C GLU A 1258 -7.92 -5.32 59.06
N SER A 1259 -7.17 -6.21 58.41
CA SER A 1259 -7.19 -7.63 58.75
C SER A 1259 -5.80 -8.12 59.11
N MET A 1266 -2.91 -19.92 59.11
CA MET A 1266 -3.46 -19.91 57.77
C MET A 1266 -2.54 -19.17 56.80
N GLN A 1267 -2.57 -17.83 56.87
CA GLN A 1267 -1.73 -17.02 55.99
C GLN A 1267 -0.25 -17.14 56.34
N ASP A 1268 0.08 -17.63 57.53
CA ASP A 1268 1.48 -17.77 57.91
C ASP A 1268 2.21 -18.75 56.99
N ILE A 1269 1.57 -19.86 56.65
CA ILE A 1269 2.18 -20.84 55.75
C ILE A 1269 2.41 -20.21 54.37
N TYR A 1270 1.42 -19.47 53.87
CA TYR A 1270 1.56 -18.82 52.57
C TYR A 1270 2.68 -17.77 52.61
N PHE A 1271 2.76 -17.01 53.70
CA PHE A 1271 3.83 -16.02 53.83
C PHE A 1271 5.20 -16.69 53.86
N GLY A 1272 5.30 -17.81 54.60
CA GLY A 1272 6.57 -18.52 54.65
C GLY A 1272 6.96 -19.12 53.31
N LEU A 1273 5.98 -19.64 52.57
CA LEU A 1273 6.26 -20.21 51.25
C LEU A 1273 6.80 -19.16 50.29
N LEU A 1274 6.22 -17.95 50.31
CA LEU A 1274 6.68 -16.89 49.45
C LEU A 1274 8.12 -16.51 49.76
N ILE A 1275 8.44 -16.43 51.06
CA ILE A 1275 9.80 -16.02 51.49
C ILE A 1275 10.82 -17.11 51.15
N ALA A 1276 10.50 -18.37 51.49
CA ALA A 1276 11.46 -19.48 51.27
C ALA A 1276 11.75 -19.62 49.77
N LEU A 1277 10.71 -19.53 48.93
CA LEU A 1277 10.89 -19.68 47.47
C LEU A 1277 11.79 -18.54 46.97
N GLU A 1278 11.56 -17.32 47.46
CA GLU A 1278 12.37 -16.15 47.03
C GLU A 1278 13.82 -16.38 47.45
N SER A 1279 14.05 -16.90 48.66
CA SER A 1279 15.43 -17.15 49.14
C SER A 1279 16.10 -18.20 48.25
N PHE A 1280 15.35 -19.24 47.87
CA PHE A 1280 15.92 -20.31 47.01
C PHE A 1280 16.29 -19.70 45.64
N THR A 1281 15.42 -18.82 45.12
CA THR A 1281 15.69 -18.18 43.81
C THR A 1281 16.96 -17.33 43.92
N PHE A 1282 17.12 -16.60 45.04
CA PHE A 1282 18.31 -15.73 45.24
C PHE A 1282 19.56 -16.62 45.29
N PHE A 1283 19.46 -17.76 45.97
CA PHE A 1283 20.62 -18.69 46.07
C PHE A 1283 20.98 -19.20 44.67
N PHE A 1284 19.97 -19.53 43.88
CA PHE A 1284 20.20 -20.04 42.50
C PHE A 1284 20.89 -18.95 41.68
N GLN A 1285 20.44 -17.69 41.83
CA GLN A 1285 21.03 -16.56 41.07
C GLN A 1285 22.49 -16.40 41.48
N ALA A 1286 22.79 -16.52 42.78
CA ALA A 1286 24.18 -16.38 43.27
C ALA A 1286 25.04 -17.50 42.67
N THR A 1287 24.49 -18.72 42.63
CA THR A 1287 25.25 -19.87 42.06
C THR A 1287 25.53 -19.59 40.58
N VAL A 1288 24.54 -19.07 39.86
CA VAL A 1288 24.71 -18.77 38.40
C VAL A 1288 25.80 -17.72 38.24
N LEU A 1289 25.79 -16.69 39.11
CA LEU A 1289 26.81 -15.61 39.02
C LEU A 1289 28.20 -16.21 39.27
N PHE A 1290 28.31 -17.11 40.24
CA PHE A 1290 29.61 -17.74 40.56
C PHE A 1290 30.08 -18.55 39.35
N ILE A 1291 29.15 -19.27 38.71
CA ILE A 1291 29.51 -20.11 37.53
C ILE A 1291 30.00 -19.18 36.42
N GLN A 1292 29.32 -18.04 36.23
CA GLN A 1292 29.71 -17.07 35.16
C GLN A 1292 31.11 -16.55 35.46
N TRP A 1293 31.39 -16.24 36.73
CA TRP A 1293 32.73 -15.71 37.12
C TRP A 1293 33.79 -16.78 36.83
N PHE A 1294 33.48 -18.04 37.13
CA PHE A 1294 34.44 -19.15 36.88
C PHE A 1294 34.70 -19.25 35.38
N LYS A 1295 33.63 -19.13 34.57
CA LYS A 1295 33.78 -19.23 33.09
C LYS A 1295 34.66 -18.07 32.61
N SER A 1296 34.46 -16.87 33.16
CA SER A 1296 35.26 -15.69 32.76
C SER A 1296 36.74 -15.94 33.12
N THR A 1297 36.99 -16.51 34.30
CA THR A 1297 38.39 -16.80 34.73
C THR A 1297 39.00 -17.80 33.75
N VAL A 1298 38.22 -18.82 33.36
CA VAL A 1298 38.75 -19.87 32.44
C VAL A 1298 39.08 -19.18 31.11
N GLN A 1299 38.21 -18.29 30.62
CA GLN A 1299 38.44 -17.63 29.32
C GLN A 1299 39.71 -16.79 29.42
N ASN A 1300 39.90 -16.09 30.55
CA ASN A 1300 41.10 -15.23 30.73
C ASN A 1300 42.37 -16.09 30.75
N VAL A 1301 42.34 -17.27 31.39
CA VAL A 1301 43.59 -18.06 31.51
C VAL A 1301 43.80 -18.96 30.28
N LYS A 1302 42.74 -19.23 29.51
CA LYS A 1302 42.83 -20.19 28.39
C LYS A 1302 43.14 -19.42 27.11
N ASP A 1303 42.54 -18.23 26.94
CA ASP A 1303 42.83 -17.35 25.77
C ASP A 1303 44.29 -16.91 25.74
N GLU A 1304 44.89 -16.56 26.89
CA GLU A 1304 46.37 -16.24 26.90
C GLU A 1304 47.19 -17.49 26.54
N VAL A 1305 46.70 -18.64 27.02
CA VAL A 1305 47.40 -19.92 26.66
C VAL A 1305 47.33 -20.05 25.14
N TYR A 1306 46.17 -19.72 24.56
CA TYR A 1306 45.97 -19.79 23.09
C TYR A 1306 46.79 -18.71 22.36
N THR A 1307 46.76 -17.47 22.86
CA THR A 1307 47.45 -16.34 22.17
C THR A 1307 48.96 -16.58 22.09
N LYS A 1308 49.57 -17.11 23.15
CA LYS A 1308 51.05 -17.27 23.17
C LYS A 1308 51.53 -18.18 22.04
N GLY A 1309 50.80 -19.29 21.78
CA GLY A 1309 51.27 -20.24 20.75
C GLY A 1309 50.39 -20.21 19.52
N ARG A 1310 50.98 -19.89 18.36
CA ARG A 1310 50.21 -19.83 17.09
C ARG A 1310 49.84 -21.25 16.65
N ALA A 1311 48.62 -21.44 16.14
CA ALA A 1311 48.17 -22.76 15.65
C ALA A 1311 46.94 -22.59 14.76
N LEU A 1312 46.79 -23.44 13.73
CA LEU A 1312 45.65 -23.31 12.78
C LEU A 1312 45.08 -24.70 12.48
N GLU A 1313 43.93 -24.76 11.80
CA GLU A 1313 43.29 -26.03 11.45
C GLU A 1313 42.81 -26.02 9.99
C1 PCW B . 3.72 21.47 -21.55
C2 PCW B . 3.65 22.89 -21.04
C3 PCW B . 2.48 23.67 -21.59
C4 PCW B . 6.22 21.51 -26.10
C11 PCW B . 0.84 22.67 -20.20
C12 PCW B . 0.08 23.87 -19.68
C13 PCW B . -0.12 23.85 -18.19
C14 PCW B . -1.03 22.73 -17.71
C15 PCW B . -1.09 22.60 -16.20
C16 PCW B . -1.90 21.42 -15.72
C17 PCW B . -1.86 21.22 -14.21
C18 PCW B . -2.64 20.04 -13.71
C19 PCW B . -2.53 19.85 -12.23
C20 PCW B . -2.06 18.78 -11.64
C21 PCW B . -1.88 18.60 -10.17
C22 PCW B . -0.45 18.35 -9.78
C23 PCW B . -0.22 18.15 -8.29
C24 PCW B . 1.20 17.87 -7.92
C31 PCW B . 4.67 22.53 -18.89
C32 PCW B . 4.40 22.53 -17.41
C33 PCW B . 5.53 22.01 -16.59
C34 PCW B . 5.22 22.04 -15.10
C35 PCW B . 3.98 21.29 -14.70
C36 PCW B . 3.71 21.27 -13.21
C37 PCW B . 3.49 22.65 -12.60
C38 PCW B . 3.31 22.62 -11.11
C39 PCW B . 2.14 21.79 -10.68
O2 PCW B . 3.60 22.94 -19.59
O3 PCW B . 1.27 22.89 -21.44
O11 PCW B . 1.06 21.66 -19.60
O31 PCW B . 5.73 22.23 -19.38
O1P PCW B . 6.31 20.78 -23.09
O2P PCW B . 5.59 23.24 -23.52
O3P PCW B . 3.88 21.43 -22.99
O4P PCW B . 5.10 21.43 -25.19
P PCW B . 5.31 21.76 -23.63
C1 PCW C . 2.78 25.20 12.86
C2 PCW C . 3.70 24.88 11.70
C3 PCW C . 5.09 24.47 12.12
C4 PCW C . -0.52 23.97 15.53
C5 PCW C . -1.75 23.49 14.80
C6 PCW C . -3.18 21.64 14.07
C7 PCW C . -0.92 21.78 13.23
C8 PCW C . -1.32 21.18 15.55
C11 PCW C . 6.99 23.56 11.06
C12 PCW C . 7.87 23.69 9.85
C13 PCW C . 7.31 23.07 8.61
C14 PCW C . 8.19 23.36 7.40
C15 PCW C . 7.81 22.61 6.14
C16 PCW C . 8.64 23.00 4.94
C17 PCW C . 8.40 22.14 3.70
C18 PCW C . 9.20 22.55 2.50
C19 PCW C . 9.12 21.57 1.37
C20 PCW C . 9.70 21.66 0.20
C21 PCW C . 9.76 20.56 -0.81
C22 PCW C . 10.44 20.95 -2.09
C23 PCW C . 9.67 21.96 -2.94
C24 PCW C . 10.36 22.33 -4.22
C25 PCW C . 9.55 23.27 -5.10
C26 PCW C . 10.27 23.73 -6.35
C27 PCW C . 11.52 24.53 -6.10
C28 PCW C . 12.22 24.99 -7.36
C31 PCW C . 2.33 24.14 9.87
C32 PCW C . 2.62 23.32 8.65
C33 PCW C . 1.83 23.73 7.43
C34 PCW C . 2.59 23.46 6.15
C35 PCW C . 3.77 24.38 5.94
C36 PCW C . 4.67 23.98 4.79
C37 PCW C . 3.98 23.85 3.44
C38 PCW C . 4.89 23.44 2.33
C39 PCW C . 4.20 23.19 1.03
C40 PCW C . 4.79 22.79 -0.06
C41 PCW C . 4.14 22.47 -1.36
C42 PCW C . 5.10 22.03 -2.42
C43 PCW C . 4.46 21.68 -3.76
N PCW C . -1.79 22.03 14.41
O2 PCW C . 3.17 23.82 10.86
O3 PCW C . 5.86 24.23 10.91
O11 PCW C . 7.25 22.91 12.05
O31 PCW C . 1.47 24.98 9.97
O1P PCW C . 2.06 25.72 15.75
O2P PCW C . 2.51 23.20 16.16
O3P PCW C . 3.03 24.26 13.94
O4P PCW C . 0.64 23.95 14.65
P PCW C . 2.08 24.31 15.24
C1 PCW D . -9.70 -15.71 -13.52
C2 PCW D . -11.06 -15.06 -13.53
C3 PCW D . -12.07 -15.75 -12.64
C11 PCW D . -12.58 -16.02 -10.37
C12 PCW D . -12.15 -15.71 -8.96
C13 PCW D . -12.97 -14.63 -8.33
C14 PCW D . -12.78 -14.55 -6.83
C15 PCW D . -13.40 -13.33 -6.19
C16 PCW D . -13.49 -13.37 -4.70
C17 PCW D . -13.90 -12.04 -4.07
C18 PCW D . -14.32 -12.13 -2.63
C19 PCW D . -15.71 -12.66 -2.45
C20 PCW D . -16.12 -13.89 -2.67
C21 PCW D . -17.56 -14.32 -2.75
C22 PCW D . -18.27 -13.67 -3.90
C23 PCW D . -19.73 -14.06 -4.03
C24 PCW D . -20.43 -13.42 -5.21
C25 PCW D . -20.33 -11.92 -5.24
C26 PCW D . -20.99 -11.28 -6.44
C31 PCW D . -11.95 -12.83 -13.33
C32 PCW D . -11.75 -11.48 -12.69
C33 PCW D . -12.84 -10.50 -12.98
C34 PCW D . -14.16 -10.85 -12.30
C35 PCW D . -14.06 -10.94 -10.80
C36 PCW D . -15.39 -11.15 -10.11
C37 PCW D . -15.25 -11.44 -8.61
C38 PCW D . -14.59 -10.34 -7.84
C39 PCW D . -15.54 -9.29 -7.35
C40 PCW D . -16.50 -9.50 -6.49
C41 PCW D . -17.32 -8.46 -5.81
C42 PCW D . -17.13 -8.47 -4.32
C43 PCW D . -17.89 -7.37 -3.58
C44 PCW D . -17.67 -7.38 -2.09
C45 PCW D . -18.41 -6.29 -1.35
C46 PCW D . -18.20 -6.30 0.14
C47 PCW D . -18.91 -5.20 0.88
C48 PCW D . -20.41 -5.20 0.70
O2 PCW D . -10.93 -13.67 -13.11
O3 PCW D . -11.69 -15.59 -11.26
O11 PCW D . -13.59 -16.59 -10.67
O31 PCW D . -12.91 -13.13 -14.00
O1P PCW D . -7.67 -17.14 -15.39
O2P PCW D . -6.51 -15.48 -13.76
O3P PCW D . -8.87 -15.09 -14.54
O4P PCW D . -6.96 -14.86 -16.15
P PCW D . -7.45 -15.73 -14.90
O1 PX6 E . -14.64 6.38 -36.10
O2 PX6 E . -16.24 4.46 -35.71
P1 PX6 E . -15.38 5.53 -35.08
O3 PX6 E . -16.12 6.36 -34.05
O4 PX6 E . -14.24 4.74 -34.25
C1 PX6 E . -14.63 3.85 -33.17
C2 PX6 E . -13.40 3.17 -32.64
C3 PX6 E . -12.39 4.13 -32.05
O5 PX6 E . -12.91 4.57 -30.77
C4 PX6 E . -12.08 5.28 -30.00
O6 PX6 E . -11.05 5.76 -30.41
C5 PX6 E . -12.58 5.34 -28.59
C6 PX6 E . -13.93 4.72 -28.41
C7 PX6 E . -14.28 4.45 -26.97
C8 PX6 E . -15.70 3.96 -26.76
C9 PX6 E . -15.99 3.46 -25.37
C10 PX6 E . -15.33 2.15 -25.02
C11 PX6 E . -15.81 1.53 -23.73
C12 PX6 E . -15.29 0.14 -23.46
C13 PX6 E . -13.82 0.07 -23.12
C14 PX6 E . -13.45 0.77 -21.84
C15 PX6 E . -12.01 0.58 -21.43
C16 PX6 E . -11.63 1.32 -20.17
C17 PX6 E . -11.73 2.82 -20.28
O7 PX6 E . -13.72 2.21 -31.59
C20 PX6 E . -14.36 1.07 -31.92
O8 PX6 E . -14.81 0.85 -33.02
C21 PX6 E . -14.39 0.08 -30.78
C22 PX6 E . -15.76 -0.18 -30.25
C23 PX6 E . -15.81 -1.37 -29.31
C24 PX6 E . -17.18 -1.66 -28.75
C25 PX6 E . -17.35 -3.04 -28.15
C26 PX6 E . -16.52 -3.33 -26.93
C27 PX6 E . -16.72 -4.73 -26.39
C28 PX6 E . -15.92 -5.05 -25.15
C29 PX6 E . -16.30 -4.26 -23.92
C30 PX6 E . -15.55 -4.68 -22.67
C31 PX6 E . -15.89 -3.87 -21.45
C32 PX6 E . -17.33 -3.97 -21.01
C33 PX6 E . -17.65 -3.16 -19.78
C34 PX6 E . -19.11 -3.22 -19.35
C35 PX6 E . -19.41 -2.40 -18.11
#